data_4B2U
#
_entry.id   4B2U
#
_cell.length_a   1.000
_cell.length_b   1.000
_cell.length_c   1.000
_cell.angle_alpha   90.00
_cell.angle_beta   90.00
_cell.angle_gamma   90.00
#
_symmetry.space_group_name_H-M   'P 1'
#
_entity_poly.entity_id   1
_entity_poly.type   'polypeptide(L)'
_entity_poly.pdbx_seq_one_letter_code
;GTYCIELGERCPNPREGDWCCHKCVPEGKRFYCRDQ
;
_entity_poly.pdbx_strand_id   A
#
# COMPACT_ATOMS: atom_id res chain seq x y z
N GLY A 1 11.04 2.90 -9.52
CA GLY A 1 10.00 3.15 -8.50
C GLY A 1 9.82 4.63 -8.25
N THR A 2 8.67 5.01 -7.71
CA THR A 2 8.37 6.41 -7.45
C THR A 2 8.52 6.73 -5.97
N TYR A 3 9.73 6.47 -5.45
CA TYR A 3 10.06 6.70 -4.03
C TYR A 3 9.41 5.64 -3.13
N CYS A 4 8.13 5.38 -3.36
CA CYS A 4 7.42 4.33 -2.67
C CYS A 4 6.59 3.54 -3.70
N ILE A 5 5.86 2.52 -3.26
CA ILE A 5 5.02 1.74 -4.16
C ILE A 5 3.94 2.64 -4.73
N GLU A 6 3.78 2.59 -6.05
CA GLU A 6 2.88 3.50 -6.74
C GLU A 6 1.42 3.21 -6.40
N LEU A 7 0.62 4.26 -6.54
CA LEU A 7 -0.78 4.23 -6.15
C LEU A 7 -1.57 3.27 -7.03
N GLY A 8 -2.17 2.27 -6.41
CA GLY A 8 -2.95 1.29 -7.13
C GLY A 8 -2.38 -0.11 -7.03
N GLU A 9 -1.14 -0.20 -6.60
CA GLU A 9 -0.46 -1.48 -6.51
C GLU A 9 -0.77 -2.20 -5.20
N ARG A 10 -0.45 -3.48 -5.16
CA ARG A 10 -0.66 -4.31 -3.98
C ARG A 10 0.48 -4.10 -3.00
N CYS A 11 0.15 -4.09 -1.71
CA CYS A 11 1.17 -3.94 -0.69
C CYS A 11 1.07 -5.05 0.34
N PRO A 12 2.20 -5.38 1.00
CA PRO A 12 2.20 -6.32 2.12
C PRO A 12 1.53 -5.70 3.34
N ASN A 13 1.27 -6.52 4.35
CA ASN A 13 0.60 -6.06 5.57
C ASN A 13 1.28 -4.79 6.12
N PRO A 14 0.52 -3.69 6.21
CA PRO A 14 1.04 -2.37 6.62
C PRO A 14 1.72 -2.37 7.98
N ARG A 15 1.50 -3.41 8.77
CA ARG A 15 2.16 -3.55 10.05
C ARG A 15 3.67 -3.68 9.87
N GLU A 16 4.08 -4.10 8.68
CA GLU A 16 5.49 -4.22 8.33
C GLU A 16 6.06 -2.85 7.94
N GLY A 17 5.18 -1.88 7.77
CA GLY A 17 5.60 -0.56 7.36
C GLY A 17 4.94 -0.15 6.05
N ASP A 18 4.45 1.08 5.96
CA ASP A 18 3.83 1.54 4.74
C ASP A 18 4.90 1.90 3.71
N TRP A 19 5.08 1.03 2.73
CA TRP A 19 5.95 1.32 1.60
C TRP A 19 5.12 1.88 0.46
N CYS A 20 3.87 2.13 0.78
CA CYS A 20 2.86 2.68 -0.12
C CYS A 20 2.91 4.20 -0.18
N CYS A 21 3.82 4.75 0.60
CA CYS A 21 3.67 5.99 1.42
C CYS A 21 2.53 6.99 1.08
N HIS A 22 1.44 6.48 0.53
CA HIS A 22 0.14 7.12 0.68
C HIS A 22 -0.56 6.45 1.86
N LYS A 23 -1.17 5.30 1.59
CA LYS A 23 -1.60 4.39 2.65
C LYS A 23 -1.70 2.97 2.13
N CYS A 24 -1.12 2.02 2.85
CA CYS A 24 -1.33 0.61 2.55
C CYS A 24 -2.57 0.19 3.29
N VAL A 25 -3.66 0.12 2.57
CA VAL A 25 -4.97 0.01 3.17
C VAL A 25 -5.68 -1.26 2.68
N PRO A 26 -6.36 -1.97 3.59
CA PRO A 26 -7.11 -3.16 3.23
C PRO A 26 -8.31 -2.85 2.33
N GLU A 27 -8.30 -3.44 1.15
CA GLU A 27 -9.38 -3.29 0.19
C GLU A 27 -9.97 -4.66 -0.10
N GLY A 28 -10.89 -5.12 0.75
CA GLY A 28 -11.41 -6.45 0.60
C GLY A 28 -10.53 -7.48 1.30
N LYS A 29 -9.87 -8.33 0.52
CA LYS A 29 -9.04 -9.39 1.08
C LYS A 29 -7.55 -9.09 0.93
N ARG A 30 -7.23 -8.04 0.20
CA ARG A 30 -5.84 -7.69 -0.03
C ARG A 30 -5.55 -6.30 0.50
N PHE A 31 -4.28 -5.94 0.48
CA PHE A 31 -3.86 -4.60 0.83
C PHE A 31 -3.39 -3.89 -0.43
N TYR A 32 -3.71 -2.62 -0.55
CA TYR A 32 -3.35 -1.84 -1.72
C TYR A 32 -2.84 -0.47 -1.31
N CYS A 33 -1.94 0.06 -2.11
CA CYS A 33 -1.46 1.42 -1.92
C CYS A 33 -2.49 2.38 -2.46
N ARG A 34 -3.33 2.88 -1.57
CA ARG A 34 -4.43 3.76 -1.96
C ARG A 34 -4.27 5.11 -1.30
N ASP A 35 -5.01 6.07 -1.80
CA ASP A 35 -5.12 7.36 -1.15
C ASP A 35 -6.46 7.40 -0.43
N GLN A 36 -6.46 6.91 0.79
CA GLN A 36 -7.68 6.68 1.53
C GLN A 36 -7.48 7.10 2.98
N GLY A 1 11.04 3.32 -10.55
CA GLY A 1 9.59 3.60 -10.70
C GLY A 1 9.21 4.96 -10.16
N THR A 2 8.85 5.01 -8.89
CA THR A 2 8.44 6.25 -8.25
C THR A 2 8.72 6.17 -6.76
N TYR A 3 8.37 7.23 -6.03
CA TYR A 3 8.55 7.25 -4.59
C TYR A 3 7.61 6.23 -3.94
N CYS A 4 8.19 5.38 -3.10
CA CYS A 4 7.48 4.26 -2.47
C CYS A 4 6.70 3.45 -3.51
N ILE A 5 5.69 2.71 -3.09
CA ILE A 5 4.88 1.94 -4.03
C ILE A 5 3.91 2.88 -4.75
N GLU A 6 3.83 2.72 -6.06
CA GLU A 6 2.98 3.56 -6.87
C GLU A 6 1.51 3.31 -6.54
N LEU A 7 0.73 4.36 -6.69
CA LEU A 7 -0.66 4.36 -6.27
C LEU A 7 -1.50 3.42 -7.13
N GLY A 8 -2.12 2.46 -6.48
CA GLY A 8 -2.93 1.48 -7.19
C GLY A 8 -2.42 0.06 -7.03
N GLU A 9 -1.15 -0.07 -6.69
CA GLU A 9 -0.52 -1.39 -6.61
C GLU A 9 -0.79 -2.05 -5.28
N ARG A 10 -0.41 -3.32 -5.19
CA ARG A 10 -0.60 -4.10 -3.97
C ARG A 10 0.53 -3.81 -2.99
N CYS A 11 0.20 -3.79 -1.72
CA CYS A 11 1.20 -3.58 -0.68
C CYS A 11 1.19 -4.73 0.30
N PRO A 12 2.34 -5.05 0.90
CA PRO A 12 2.42 -6.02 1.98
C PRO A 12 1.74 -5.50 3.23
N ASN A 13 1.38 -6.40 4.14
CA ASN A 13 0.73 -6.01 5.39
C ASN A 13 1.55 -4.91 6.07
N PRO A 14 0.95 -3.72 6.23
CA PRO A 14 1.66 -2.52 6.72
C PRO A 14 2.37 -2.72 8.06
N ARG A 15 1.85 -3.62 8.89
CA ARG A 15 2.47 -3.90 10.19
C ARG A 15 3.76 -4.71 10.00
N GLU A 16 3.95 -5.23 8.80
CA GLU A 16 5.14 -5.98 8.46
C GLU A 16 6.07 -5.14 7.58
N GLY A 17 5.79 -3.85 7.51
CA GLY A 17 6.60 -2.96 6.69
C GLY A 17 5.76 -2.25 5.64
N ASP A 18 5.54 -0.96 5.84
CA ASP A 18 4.73 -0.16 4.93
C ASP A 18 5.61 0.58 3.93
N TRP A 19 5.46 0.25 2.66
CA TRP A 19 6.18 0.94 1.59
C TRP A 19 5.18 1.65 0.68
N CYS A 20 3.99 1.89 1.21
CA CYS A 20 2.84 2.38 0.44
C CYS A 20 2.88 3.88 0.20
N CYS A 21 3.86 4.55 0.83
CA CYS A 21 3.76 5.91 1.45
C CYS A 21 2.57 6.82 1.04
N HIS A 22 1.46 6.21 0.71
CA HIS A 22 0.17 6.88 0.66
C HIS A 22 -0.70 6.30 1.77
N LYS A 23 -1.35 5.17 1.49
CA LYS A 23 -1.98 4.37 2.52
C LYS A 23 -2.07 2.92 2.06
N CYS A 24 -1.54 2.00 2.87
CA CYS A 24 -1.71 0.58 2.62
C CYS A 24 -2.99 0.15 3.28
N VAL A 25 -4.07 0.26 2.53
CA VAL A 25 -5.39 0.11 3.08
C VAL A 25 -6.00 -1.21 2.62
N PRO A 26 -6.62 -1.95 3.53
CA PRO A 26 -7.25 -3.24 3.21
C PRO A 26 -8.44 -3.09 2.27
N GLU A 27 -8.32 -3.70 1.12
CA GLU A 27 -9.38 -3.72 0.13
C GLU A 27 -10.02 -5.09 0.14
N GLY A 28 -10.84 -5.35 1.15
CA GLY A 28 -11.32 -6.69 1.37
C GLY A 28 -10.31 -7.49 2.17
N LYS A 29 -9.67 -8.45 1.54
CA LYS A 29 -8.67 -9.28 2.21
C LYS A 29 -7.27 -8.73 1.98
N ARG A 30 -7.04 -8.17 0.80
CA ARG A 30 -5.70 -7.76 0.41
C ARG A 30 -5.45 -6.30 0.77
N PHE A 31 -4.21 -5.87 0.62
CA PHE A 31 -3.84 -4.50 0.87
C PHE A 31 -3.39 -3.83 -0.42
N TYR A 32 -3.77 -2.57 -0.60
CA TYR A 32 -3.40 -1.81 -1.78
C TYR A 32 -3.00 -0.40 -1.39
N CYS A 33 -2.07 0.17 -2.15
CA CYS A 33 -1.67 1.55 -1.93
C CYS A 33 -2.71 2.47 -2.53
N ARG A 34 -3.56 3.01 -1.68
CA ARG A 34 -4.60 3.93 -2.11
C ARG A 34 -4.33 5.31 -1.55
N ASP A 35 -4.94 6.31 -2.16
CA ASP A 35 -4.83 7.66 -1.64
C ASP A 35 -6.14 8.01 -0.93
N GLN A 36 -6.18 7.68 0.35
CA GLN A 36 -7.39 7.82 1.13
C GLN A 36 -7.21 8.88 2.20
N GLY A 1 12.08 5.13 -11.07
CA GLY A 1 11.95 4.15 -9.96
C GLY A 1 11.14 4.69 -8.81
N THR A 2 10.40 3.82 -8.14
CA THR A 2 9.55 4.23 -7.05
C THR A 2 9.98 3.61 -5.72
N TYR A 3 10.68 4.39 -4.90
CA TYR A 3 11.01 3.97 -3.54
C TYR A 3 9.74 3.67 -2.75
N CYS A 4 8.71 4.47 -2.99
CA CYS A 4 7.39 4.19 -2.45
C CYS A 4 6.55 3.52 -3.53
N ILE A 5 5.72 2.58 -3.10
CA ILE A 5 4.89 1.82 -4.03
C ILE A 5 3.85 2.73 -4.65
N GLU A 6 3.76 2.66 -5.97
CA GLU A 6 2.89 3.52 -6.75
C GLU A 6 1.43 3.22 -6.45
N LEU A 7 0.62 4.25 -6.58
CA LEU A 7 -0.78 4.22 -6.20
C LEU A 7 -1.57 3.25 -7.08
N GLY A 8 -2.18 2.26 -6.45
CA GLY A 8 -2.95 1.28 -7.17
C GLY A 8 -2.34 -0.11 -7.08
N GLU A 9 -1.11 -0.18 -6.60
CA GLU A 9 -0.41 -1.45 -6.48
C GLU A 9 -0.72 -2.15 -5.17
N ARG A 10 -0.31 -3.41 -5.09
CA ARG A 10 -0.47 -4.21 -3.89
C ARG A 10 0.63 -3.90 -2.90
N CYS A 11 0.28 -3.83 -1.63
CA CYS A 11 1.25 -3.58 -0.60
C CYS A 11 1.28 -4.71 0.42
N PRO A 12 2.47 -5.06 0.93
CA PRO A 12 2.60 -5.97 2.06
C PRO A 12 1.95 -5.36 3.29
N ASN A 13 1.34 -6.20 4.11
CA ASN A 13 0.63 -5.75 5.30
C ASN A 13 1.50 -4.81 6.12
N PRO A 14 0.99 -3.59 6.39
CA PRO A 14 1.75 -2.52 7.05
C PRO A 14 2.40 -2.96 8.37
N ARG A 15 1.87 -4.02 8.97
CA ARG A 15 2.45 -4.57 10.19
C ARG A 15 3.90 -5.02 9.96
N GLU A 16 4.27 -5.29 8.72
CA GLU A 16 5.62 -5.73 8.39
C GLU A 16 6.32 -4.74 7.47
N GLY A 17 5.83 -3.51 7.45
CA GLY A 17 6.45 -2.47 6.64
C GLY A 17 5.78 -2.30 5.29
N ASP A 18 5.10 -1.17 5.11
CA ASP A 18 4.50 -0.85 3.83
C ASP A 18 5.19 0.37 3.23
N TRP A 19 5.52 0.30 1.96
CA TRP A 19 6.20 1.39 1.28
C TRP A 19 5.20 2.18 0.45
N CYS A 20 3.93 2.06 0.84
CA CYS A 20 2.80 2.66 0.13
C CYS A 20 2.85 4.17 -0.05
N CYS A 21 3.85 4.82 0.55
CA CYS A 21 3.78 6.14 1.24
C CYS A 21 2.55 7.04 0.94
N HIS A 22 1.42 6.42 0.67
CA HIS A 22 0.11 7.05 0.76
C HIS A 22 -0.65 6.40 1.91
N LYS A 23 -1.30 5.26 1.62
CA LYS A 23 -1.87 4.43 2.66
C LYS A 23 -1.97 2.98 2.17
N CYS A 24 -1.44 2.05 2.95
CA CYS A 24 -1.60 0.64 2.69
C CYS A 24 -2.88 0.19 3.37
N VAL A 25 -3.97 0.29 2.64
CA VAL A 25 -5.28 0.12 3.20
C VAL A 25 -5.90 -1.18 2.72
N PRO A 26 -6.58 -1.91 3.61
CA PRO A 26 -7.23 -3.16 3.24
C PRO A 26 -8.39 -2.94 2.27
N GLU A 27 -8.26 -3.54 1.11
CA GLU A 27 -9.25 -3.43 0.05
C GLU A 27 -9.89 -4.79 -0.17
N GLY A 28 -10.80 -5.16 0.72
CA GLY A 28 -11.39 -6.47 0.63
C GLY A 28 -10.54 -7.52 1.29
N LYS A 29 -9.95 -8.40 0.49
CA LYS A 29 -9.18 -9.52 1.01
C LYS A 29 -7.67 -9.25 0.99
N ARG A 30 -7.27 -8.13 0.40
CA ARG A 30 -5.86 -7.80 0.26
C ARG A 30 -5.61 -6.33 0.61
N PHE A 31 -4.36 -5.92 0.55
CA PHE A 31 -3.99 -4.53 0.82
C PHE A 31 -3.47 -3.86 -0.44
N TYR A 32 -3.81 -2.59 -0.60
CA TYR A 32 -3.38 -1.82 -1.76
C TYR A 32 -2.96 -0.43 -1.33
N CYS A 33 -2.04 0.16 -2.09
CA CYS A 33 -1.65 1.53 -1.87
C CYS A 33 -2.70 2.47 -2.44
N ARG A 34 -3.51 3.03 -1.57
CA ARG A 34 -4.60 3.91 -2.00
C ARG A 34 -4.37 5.30 -1.45
N ASP A 35 -5.04 6.27 -2.05
CA ASP A 35 -4.94 7.64 -1.61
C ASP A 35 -6.15 8.01 -0.76
N GLN A 36 -6.04 7.76 0.52
CA GLN A 36 -7.11 8.06 1.45
C GLN A 36 -6.70 9.21 2.35
N GLY A 1 6.12 4.57 -10.18
CA GLY A 1 7.33 5.41 -10.31
C GLY A 1 7.44 6.42 -9.20
N THR A 2 8.10 6.03 -8.11
CA THR A 2 8.29 6.89 -6.95
C THR A 2 9.18 6.18 -5.93
N TYR A 3 9.54 6.89 -4.86
CA TYR A 3 10.43 6.35 -3.83
C TYR A 3 9.69 5.40 -2.87
N CYS A 4 8.71 4.70 -3.41
CA CYS A 4 7.92 3.73 -2.69
C CYS A 4 7.00 3.04 -3.69
N ILE A 5 5.96 2.38 -3.22
CA ILE A 5 5.01 1.74 -4.11
C ILE A 5 4.03 2.79 -4.64
N GLU A 6 3.77 2.75 -5.94
CA GLU A 6 2.91 3.73 -6.57
C GLU A 6 1.44 3.41 -6.32
N LEU A 7 0.61 4.42 -6.50
CA LEU A 7 -0.81 4.35 -6.21
C LEU A 7 -1.49 3.33 -7.10
N GLY A 8 -2.22 2.42 -6.49
CA GLY A 8 -2.97 1.42 -7.23
C GLY A 8 -2.34 0.04 -7.18
N GLU A 9 -1.12 -0.04 -6.67
CA GLU A 9 -0.41 -1.30 -6.61
C GLU A 9 -0.66 -2.03 -5.29
N ARG A 10 -0.12 -3.23 -5.21
CA ARG A 10 -0.26 -4.06 -4.01
C ARG A 10 0.74 -3.62 -2.94
N CYS A 11 0.37 -3.81 -1.70
CA CYS A 11 1.26 -3.52 -0.59
C CYS A 11 1.23 -4.63 0.46
N PRO A 12 2.35 -4.87 1.14
CA PRO A 12 2.39 -5.78 2.29
C PRO A 12 1.72 -5.15 3.49
N ASN A 13 1.13 -6.00 4.33
CA ASN A 13 0.41 -5.54 5.52
C ASN A 13 1.25 -4.54 6.32
N PRO A 14 0.74 -3.31 6.51
CA PRO A 14 1.46 -2.21 7.17
C PRO A 14 1.95 -2.57 8.57
N ARG A 15 1.40 -3.64 9.15
CA ARG A 15 1.84 -4.12 10.45
C ARG A 15 3.30 -4.54 10.39
N GLU A 16 3.75 -5.03 9.24
CA GLU A 16 5.14 -5.45 9.07
C GLU A 16 5.94 -4.37 8.35
N GLY A 17 5.35 -3.18 8.24
CA GLY A 17 6.01 -2.10 7.53
C GLY A 17 5.69 -2.11 6.05
N ASP A 18 4.90 -1.13 5.62
CA ASP A 18 4.52 -1.02 4.22
C ASP A 18 5.33 0.05 3.53
N TRP A 19 5.58 -0.14 2.24
CA TRP A 19 6.27 0.85 1.44
C TRP A 19 5.27 1.54 0.51
N CYS A 20 4.05 1.64 0.98
CA CYS A 20 2.92 2.16 0.21
C CYS A 20 3.02 3.65 -0.09
N CYS A 21 4.03 4.30 0.49
CA CYS A 21 3.99 5.66 1.11
C CYS A 21 2.84 6.62 0.71
N HIS A 22 1.68 6.09 0.34
CA HIS A 22 0.41 6.82 0.41
C HIS A 22 -0.37 6.26 1.60
N LYS A 23 -1.09 5.16 1.37
CA LYS A 23 -1.73 4.41 2.44
C LYS A 23 -1.91 2.95 2.02
N CYS A 24 -1.39 2.04 2.83
CA CYS A 24 -1.61 0.61 2.60
C CYS A 24 -2.89 0.22 3.29
N VAL A 25 -3.97 0.25 2.54
CA VAL A 25 -5.28 0.07 3.10
C VAL A 25 -5.88 -1.26 2.65
N PRO A 26 -6.44 -2.02 3.60
CA PRO A 26 -7.04 -3.31 3.30
C PRO A 26 -8.30 -3.18 2.46
N GLU A 27 -8.28 -3.83 1.30
CA GLU A 27 -9.44 -3.92 0.45
C GLU A 27 -9.92 -5.36 0.43
N GLY A 28 -10.63 -5.74 1.49
CA GLY A 28 -11.06 -7.10 1.64
C GLY A 28 -9.98 -7.97 2.24
N LYS A 29 -9.52 -8.94 1.47
CA LYS A 29 -8.46 -9.84 1.92
C LYS A 29 -7.10 -9.33 1.46
N ARG A 30 -7.13 -8.30 0.62
CA ARG A 30 -5.92 -7.80 0.01
C ARG A 30 -5.57 -6.43 0.58
N PHE A 31 -4.38 -5.96 0.21
CA PHE A 31 -3.94 -4.62 0.59
C PHE A 31 -3.46 -3.88 -0.66
N TYR A 32 -3.80 -2.61 -0.76
CA TYR A 32 -3.41 -1.80 -1.91
C TYR A 32 -2.99 -0.41 -1.47
N CYS A 33 -2.12 0.19 -2.26
CA CYS A 33 -1.71 1.56 -2.03
C CYS A 33 -2.77 2.51 -2.57
N ARG A 34 -3.56 3.06 -1.67
CA ARG A 34 -4.64 3.96 -2.02
C ARG A 34 -4.40 5.31 -1.39
N ASP A 35 -5.06 6.33 -1.91
CA ASP A 35 -4.94 7.66 -1.36
C ASP A 35 -6.08 7.91 -0.38
N GLN A 36 -5.84 7.56 0.86
CA GLN A 36 -6.83 7.72 1.91
C GLN A 36 -6.54 9.00 2.69
N GLY A 1 8.23 0.64 -9.41
CA GLY A 1 9.20 1.45 -10.18
C GLY A 1 9.33 2.86 -9.64
N THR A 2 9.50 2.97 -8.32
CA THR A 2 9.69 4.26 -7.66
C THR A 2 10.05 4.04 -6.19
N TYR A 3 10.37 5.11 -5.47
CA TYR A 3 10.77 5.01 -4.06
C TYR A 3 9.74 4.26 -3.24
N CYS A 4 8.48 4.67 -3.36
CA CYS A 4 7.40 4.01 -2.66
C CYS A 4 6.65 3.09 -3.62
N ILE A 5 5.62 2.43 -3.13
CA ILE A 5 4.77 1.63 -3.99
C ILE A 5 3.79 2.55 -4.69
N GLU A 6 3.81 2.52 -6.02
CA GLU A 6 3.00 3.42 -6.82
C GLU A 6 1.52 3.21 -6.56
N LEU A 7 0.80 4.33 -6.60
CA LEU A 7 -0.59 4.37 -6.21
C LEU A 7 -1.45 3.52 -7.15
N GLY A 8 -2.18 2.60 -6.56
CA GLY A 8 -3.01 1.69 -7.34
C GLY A 8 -2.53 0.25 -7.21
N GLU A 9 -1.27 0.08 -6.82
CA GLU A 9 -0.68 -1.24 -6.69
C GLU A 9 -1.09 -1.92 -5.40
N ARG A 10 -0.69 -3.17 -5.27
CA ARG A 10 -0.87 -3.91 -4.04
C ARG A 10 0.23 -3.54 -3.05
N CYS A 11 -0.04 -3.72 -1.77
CA CYS A 11 0.97 -3.47 -0.75
C CYS A 11 0.96 -4.58 0.29
N PRO A 12 2.15 -4.93 0.85
CA PRO A 12 2.25 -5.85 1.97
C PRO A 12 1.60 -5.28 3.21
N ASN A 13 1.28 -6.15 4.16
CA ASN A 13 0.63 -5.74 5.41
C ASN A 13 1.37 -4.57 6.05
N PRO A 14 0.70 -3.42 6.20
CA PRO A 14 1.29 -2.22 6.80
C PRO A 14 1.85 -2.46 8.20
N ARG A 15 1.30 -3.47 8.87
CA ARG A 15 1.80 -3.86 10.18
C ARG A 15 3.19 -4.46 10.09
N GLU A 16 3.54 -4.99 8.93
CA GLU A 16 4.83 -5.65 8.74
C GLU A 16 5.83 -4.70 8.07
N GLY A 17 5.37 -3.49 7.78
CA GLY A 17 6.22 -2.51 7.14
C GLY A 17 5.87 -2.31 5.68
N ASP A 18 5.07 -1.30 5.39
CA ASP A 18 4.68 -1.01 4.01
C ASP A 18 5.51 0.13 3.45
N TRP A 19 5.75 0.09 2.15
CA TRP A 19 6.48 1.15 1.46
C TRP A 19 5.50 1.96 0.61
N CYS A 20 4.27 2.04 1.09
CA CYS A 20 3.15 2.61 0.35
C CYS A 20 3.21 4.11 0.18
N CYS A 21 4.14 4.76 0.87
CA CYS A 21 4.00 6.08 1.57
C CYS A 21 2.83 7.02 1.15
N HIS A 22 1.73 6.46 0.68
CA HIS A 22 0.44 7.13 0.70
C HIS A 22 -0.38 6.54 1.84
N LYS A 23 -1.13 5.48 1.55
CA LYS A 23 -1.75 4.69 2.59
C LYS A 23 -2.02 3.26 2.11
N CYS A 24 -1.51 2.29 2.85
CA CYS A 24 -1.76 0.89 2.54
C CYS A 24 -3.01 0.43 3.28
N VAL A 25 -4.10 0.30 2.55
CA VAL A 25 -5.38 -0.01 3.17
C VAL A 25 -5.85 -1.41 2.79
N PRO A 26 -6.62 -2.05 3.69
CA PRO A 26 -7.16 -3.37 3.46
C PRO A 26 -8.35 -3.34 2.51
N GLU A 27 -8.20 -4.02 1.39
CA GLU A 27 -9.25 -4.13 0.40
C GLU A 27 -9.72 -5.57 0.33
N GLY A 28 -10.50 -5.98 1.32
CA GLY A 28 -10.96 -7.35 1.37
C GLY A 28 -9.89 -8.30 1.86
N LYS A 29 -9.41 -9.15 0.96
CA LYS A 29 -8.43 -10.17 1.31
C LYS A 29 -7.00 -9.63 1.25
N ARG A 30 -6.80 -8.59 0.47
CA ARG A 30 -5.46 -8.07 0.25
C ARG A 30 -5.40 -6.58 0.53
N PHE A 31 -4.18 -6.06 0.58
CA PHE A 31 -3.96 -4.64 0.82
C PHE A 31 -3.55 -3.95 -0.47
N TYR A 32 -3.99 -2.71 -0.64
CA TYR A 32 -3.67 -1.96 -1.84
C TYR A 32 -3.27 -0.55 -1.50
N CYS A 33 -2.42 0.01 -2.33
CA CYS A 33 -1.88 1.34 -2.11
C CYS A 33 -2.84 2.38 -2.64
N ARG A 34 -3.52 3.04 -1.73
CA ARG A 34 -4.55 3.99 -2.09
C ARG A 34 -4.22 5.35 -1.51
N ASP A 35 -4.86 6.38 -2.02
CA ASP A 35 -4.59 7.74 -1.58
C ASP A 35 -5.77 8.31 -0.80
N GLN A 36 -5.73 8.08 0.50
CA GLN A 36 -6.74 8.63 1.39
C GLN A 36 -6.34 10.04 1.81
N GLY A 1 11.90 1.45 -9.68
CA GLY A 1 12.37 2.81 -10.02
C GLY A 1 11.30 3.87 -9.80
N THR A 2 10.97 4.11 -8.54
CA THR A 2 9.96 5.09 -8.18
C THR A 2 9.96 5.29 -6.67
N TYR A 3 9.30 6.34 -6.20
CA TYR A 3 9.25 6.63 -4.78
C TYR A 3 8.15 5.84 -4.12
N CYS A 4 8.57 4.85 -3.33
CA CYS A 4 7.67 3.90 -2.65
C CYS A 4 6.75 3.19 -3.65
N ILE A 5 5.76 2.47 -3.15
CA ILE A 5 4.89 1.67 -4.02
C ILE A 5 3.88 2.58 -4.72
N GLU A 6 3.66 2.31 -6.01
CA GLU A 6 2.79 3.10 -6.85
C GLU A 6 1.34 3.03 -6.38
N LEU A 7 0.65 4.13 -6.58
CA LEU A 7 -0.73 4.26 -6.16
C LEU A 7 -1.63 3.40 -7.04
N GLY A 8 -2.31 2.45 -6.42
CA GLY A 8 -3.11 1.50 -7.16
C GLY A 8 -2.53 0.10 -7.12
N GLU A 9 -1.26 0.00 -6.74
CA GLU A 9 -0.57 -1.29 -6.69
C GLU A 9 -0.91 -2.04 -5.42
N ARG A 10 -0.52 -3.31 -5.39
CA ARG A 10 -0.71 -4.16 -4.23
C ARG A 10 0.42 -3.93 -3.24
N CYS A 11 0.10 -3.84 -1.96
CA CYS A 11 1.09 -3.53 -0.94
C CYS A 11 1.07 -4.56 0.19
N PRO A 12 2.20 -4.71 0.91
CA PRO A 12 2.27 -5.56 2.09
C PRO A 12 1.53 -4.95 3.27
N ASN A 13 1.11 -5.81 4.20
CA ASN A 13 0.34 -5.40 5.38
C ASN A 13 1.01 -4.23 6.09
N PRO A 14 0.34 -3.08 6.18
CA PRO A 14 0.89 -1.86 6.80
C PRO A 14 1.27 -2.06 8.27
N ARG A 15 0.74 -3.12 8.87
CA ARG A 15 1.06 -3.43 10.25
C ARG A 15 2.53 -3.82 10.40
N GLU A 16 3.12 -4.31 9.31
CA GLU A 16 4.54 -4.68 9.31
C GLU A 16 5.36 -3.63 8.55
N GLY A 17 4.78 -2.45 8.37
CA GLY A 17 5.46 -1.40 7.65
C GLY A 17 5.16 -1.42 6.17
N ASP A 18 4.31 -0.50 5.72
CA ASP A 18 3.96 -0.43 4.31
C ASP A 18 4.85 0.58 3.58
N TRP A 19 5.52 0.10 2.54
CA TRP A 19 6.36 0.95 1.71
C TRP A 19 5.50 1.65 0.66
N CYS A 20 4.32 2.04 1.12
CA CYS A 20 3.25 2.55 0.29
C CYS A 20 3.36 4.03 0.00
N CYS A 21 4.34 4.68 0.63
CA CYS A 21 4.27 6.05 1.22
C CYS A 21 3.10 6.98 0.79
N HIS A 22 1.97 6.39 0.45
CA HIS A 22 0.69 7.05 0.56
C HIS A 22 -0.04 6.42 1.74
N LYS A 23 -0.88 5.41 1.48
CA LYS A 23 -1.43 4.61 2.56
C LYS A 23 -1.85 3.23 2.05
N CYS A 24 -1.24 2.19 2.59
CA CYS A 24 -1.65 0.82 2.30
C CYS A 24 -2.86 0.48 3.14
N VAL A 25 -3.93 0.07 2.49
CA VAL A 25 -5.17 -0.22 3.19
C VAL A 25 -5.72 -1.57 2.78
N PRO A 26 -6.60 -2.15 3.63
CA PRO A 26 -7.16 -3.47 3.39
C PRO A 26 -8.31 -3.45 2.41
N GLU A 27 -8.14 -4.17 1.32
CA GLU A 27 -9.16 -4.30 0.29
C GLU A 27 -9.66 -5.73 0.27
N GLY A 28 -10.48 -6.09 1.26
CA GLY A 28 -10.93 -7.46 1.36
C GLY A 28 -9.82 -8.40 1.76
N LYS A 29 -9.42 -9.26 0.84
CA LYS A 29 -8.41 -10.28 1.11
C LYS A 29 -6.99 -9.73 1.09
N ARG A 30 -6.75 -8.70 0.29
CA ARG A 30 -5.40 -8.18 0.11
C ARG A 30 -5.33 -6.70 0.40
N PHE A 31 -4.13 -6.15 0.36
CA PHE A 31 -3.91 -4.75 0.64
C PHE A 31 -3.51 -4.01 -0.64
N TYR A 32 -4.02 -2.79 -0.79
CA TYR A 32 -3.74 -1.99 -1.97
C TYR A 32 -3.31 -0.59 -1.56
N CYS A 33 -2.48 0.01 -2.39
CA CYS A 33 -1.94 1.31 -2.10
C CYS A 33 -2.92 2.39 -2.54
N ARG A 34 -3.51 3.05 -1.56
CA ARG A 34 -4.53 4.05 -1.82
C ARG A 34 -4.08 5.40 -1.27
N ASP A 35 -4.69 6.46 -1.75
CA ASP A 35 -4.37 7.79 -1.28
C ASP A 35 -5.38 8.25 -0.23
N GLN A 36 -5.10 7.92 1.02
CA GLN A 36 -5.96 8.31 2.14
C GLN A 36 -5.47 9.62 2.73
N GLY A 1 10.51 2.42 -9.10
CA GLY A 1 9.11 2.84 -8.86
C GLY A 1 8.96 4.34 -8.87
N THR A 2 7.92 4.84 -8.21
CA THR A 2 7.67 6.27 -8.16
C THR A 2 8.00 6.84 -6.78
N TYR A 3 9.09 6.32 -6.19
CA TYR A 3 9.46 6.62 -4.81
C TYR A 3 8.41 6.06 -3.87
N CYS A 4 8.70 4.88 -3.35
CA CYS A 4 7.74 4.04 -2.62
C CYS A 4 6.77 3.41 -3.62
N ILE A 5 5.80 2.67 -3.14
CA ILE A 5 4.91 1.90 -4.03
C ILE A 5 3.92 2.81 -4.74
N GLU A 6 3.79 2.57 -6.05
CA GLU A 6 2.89 3.33 -6.89
C GLU A 6 1.44 3.23 -6.40
N LEU A 7 0.69 4.27 -6.67
CA LEU A 7 -0.68 4.35 -6.25
C LEU A 7 -1.54 3.45 -7.14
N GLY A 8 -2.22 2.49 -6.52
CA GLY A 8 -2.99 1.53 -7.28
C GLY A 8 -2.35 0.16 -7.27
N GLU A 9 -1.17 0.07 -6.70
CA GLU A 9 -0.45 -1.20 -6.61
C GLU A 9 -0.80 -1.90 -5.30
N ARG A 10 -0.36 -3.15 -5.18
CA ARG A 10 -0.57 -3.91 -3.95
C ARG A 10 0.52 -3.58 -2.94
N CYS A 11 0.19 -3.68 -1.67
CA CYS A 11 1.16 -3.40 -0.63
C CYS A 11 1.18 -4.54 0.38
N PRO A 12 2.36 -4.84 0.95
CA PRO A 12 2.47 -5.82 2.03
C PRO A 12 1.81 -5.29 3.29
N ASN A 13 1.35 -6.20 4.15
CA ASN A 13 0.64 -5.84 5.38
C ASN A 13 1.42 -4.75 6.13
N PRO A 14 0.77 -3.60 6.36
CA PRO A 14 1.42 -2.40 6.93
C PRO A 14 2.20 -2.67 8.22
N ARG A 15 1.81 -3.69 8.97
CA ARG A 15 2.49 -4.01 10.21
C ARG A 15 3.81 -4.73 9.93
N GLU A 16 3.98 -5.17 8.69
CA GLU A 16 5.18 -5.88 8.27
C GLU A 16 6.13 -4.96 7.51
N GLY A 17 5.88 -3.66 7.59
CA GLY A 17 6.73 -2.69 6.93
C GLY A 17 6.35 -2.46 5.48
N ASP A 18 5.33 -1.63 5.27
CA ASP A 18 4.87 -1.33 3.91
C ASP A 18 5.63 -0.14 3.35
N TRP A 19 5.85 -0.16 2.04
CA TRP A 19 6.46 0.96 1.36
C TRP A 19 5.39 1.70 0.56
N CYS A 20 4.17 1.63 1.08
CA CYS A 20 2.96 2.11 0.40
C CYS A 20 2.94 3.61 0.13
N CYS A 21 3.93 4.31 0.69
CA CYS A 21 3.83 5.68 1.31
C CYS A 21 2.64 6.58 0.92
N HIS A 22 1.51 5.99 0.59
CA HIS A 22 0.25 6.70 0.53
C HIS A 22 -0.63 6.20 1.67
N LYS A 23 -1.31 5.08 1.44
CA LYS A 23 -1.97 4.35 2.51
C LYS A 23 -2.10 2.89 2.12
N CYS A 24 -1.50 2.01 2.91
CA CYS A 24 -1.68 0.58 2.72
C CYS A 24 -2.97 0.19 3.40
N VAL A 25 -4.04 0.26 2.65
CA VAL A 25 -5.37 0.12 3.20
C VAL A 25 -5.98 -1.20 2.76
N PRO A 26 -6.61 -1.93 3.69
CA PRO A 26 -7.27 -3.20 3.37
C PRO A 26 -8.43 -3.00 2.40
N GLU A 27 -8.32 -3.65 1.26
CA GLU A 27 -9.34 -3.60 0.23
C GLU A 27 -9.97 -4.99 0.12
N GLY A 28 -10.82 -5.33 1.07
CA GLY A 28 -11.34 -6.67 1.12
C GLY A 28 -10.37 -7.61 1.82
N LYS A 29 -9.77 -8.50 1.04
CA LYS A 29 -8.86 -9.50 1.58
C LYS A 29 -7.42 -9.01 1.57
N ARG A 30 -7.07 -8.25 0.54
CA ARG A 30 -5.69 -7.84 0.33
C ARG A 30 -5.48 -6.38 0.73
N PHE A 31 -4.25 -5.93 0.60
CA PHE A 31 -3.89 -4.55 0.88
C PHE A 31 -3.39 -3.88 -0.39
N TYR A 32 -3.78 -2.63 -0.59
CA TYR A 32 -3.38 -1.88 -1.77
C TYR A 32 -3.05 -0.44 -1.41
N CYS A 33 -2.15 0.15 -2.17
CA CYS A 33 -1.78 1.54 -1.98
C CYS A 33 -2.84 2.44 -2.56
N ARG A 34 -3.64 2.99 -1.68
CA ARG A 34 -4.71 3.91 -2.07
C ARG A 34 -4.44 5.27 -1.48
N ASP A 35 -5.02 6.28 -2.09
CA ASP A 35 -4.88 7.64 -1.59
C ASP A 35 -6.17 8.05 -0.91
N GLN A 36 -6.27 7.76 0.38
CA GLN A 36 -7.45 8.10 1.15
C GLN A 36 -7.18 9.35 1.98
N GLY A 1 7.45 6.37 -9.89
CA GLY A 1 7.69 7.82 -9.68
C GLY A 1 8.06 8.12 -8.24
N THR A 2 7.10 7.92 -7.34
CA THR A 2 7.32 8.16 -5.93
C THR A 2 8.33 7.16 -5.36
N TYR A 3 9.01 7.55 -4.28
CA TYR A 3 9.95 6.66 -3.61
C TYR A 3 9.20 5.73 -2.66
N CYS A 4 8.08 5.23 -3.17
CA CYS A 4 7.20 4.35 -2.44
C CYS A 4 6.47 3.46 -3.45
N ILE A 5 5.57 2.62 -3.00
CA ILE A 5 4.78 1.80 -3.90
C ILE A 5 3.82 2.68 -4.70
N GLU A 6 3.73 2.41 -5.99
CA GLU A 6 2.87 3.19 -6.87
C GLU A 6 1.42 3.09 -6.46
N LEU A 7 0.69 4.15 -6.69
CA LEU A 7 -0.69 4.26 -6.25
C LEU A 7 -1.58 3.40 -7.14
N GLY A 8 -2.21 2.41 -6.52
CA GLY A 8 -3.01 1.46 -7.25
C GLY A 8 -2.43 0.06 -7.20
N GLU A 9 -1.18 -0.04 -6.76
CA GLU A 9 -0.50 -1.32 -6.67
C GLU A 9 -0.88 -2.05 -5.40
N ARG A 10 -0.46 -3.31 -5.31
CA ARG A 10 -0.71 -4.11 -4.13
C ARG A 10 0.41 -3.89 -3.12
N CYS A 11 0.06 -3.85 -1.84
CA CYS A 11 1.05 -3.64 -0.81
C CYS A 11 0.93 -4.73 0.26
N PRO A 12 2.06 -5.11 0.89
CA PRO A 12 2.06 -6.07 2.00
C PRO A 12 1.46 -5.45 3.25
N ASN A 13 1.06 -6.29 4.20
CA ASN A 13 0.50 -5.83 5.46
C ASN A 13 1.43 -4.78 6.08
N PRO A 14 0.93 -3.55 6.28
CA PRO A 14 1.74 -2.41 6.74
C PRO A 14 2.48 -2.69 8.04
N ARG A 15 2.03 -3.70 8.78
CA ARG A 15 2.69 -4.11 10.02
C ARG A 15 4.06 -4.73 9.72
N GLU A 16 4.28 -5.13 8.47
CA GLU A 16 5.54 -5.71 8.05
C GLU A 16 6.46 -4.62 7.49
N GLY A 17 5.92 -3.41 7.38
CA GLY A 17 6.67 -2.34 6.76
C GLY A 17 5.88 -1.70 5.64
N ASP A 18 5.23 -0.58 5.93
CA ASP A 18 4.44 0.13 4.93
C ASP A 18 5.34 0.95 4.01
N TRP A 19 5.39 0.57 2.75
CA TRP A 19 6.15 1.30 1.75
C TRP A 19 5.21 2.00 0.77
N CYS A 20 3.94 2.08 1.13
CA CYS A 20 2.90 2.65 0.27
C CYS A 20 2.98 4.16 0.21
N CYS A 21 3.82 4.74 1.06
CA CYS A 21 3.57 6.00 1.83
C CYS A 21 2.43 6.93 1.36
N HIS A 22 1.40 6.34 0.79
CA HIS A 22 0.09 6.96 0.69
C HIS A 22 -0.76 6.39 1.81
N LYS A 23 -1.41 5.26 1.54
CA LYS A 23 -1.99 4.43 2.59
C LYS A 23 -2.10 2.99 2.10
N CYS A 24 -1.41 2.09 2.78
CA CYS A 24 -1.57 0.67 2.52
C CYS A 24 -2.82 0.20 3.24
N VAL A 25 -3.92 0.26 2.54
CA VAL A 25 -5.21 0.11 3.15
C VAL A 25 -5.85 -1.22 2.73
N PRO A 26 -6.50 -1.92 3.67
CA PRO A 26 -7.18 -3.17 3.36
C PRO A 26 -8.28 -2.96 2.32
N GLU A 27 -8.13 -3.65 1.20
CA GLU A 27 -9.05 -3.53 0.09
C GLU A 27 -9.67 -4.89 -0.19
N GLY A 28 -10.64 -5.29 0.61
CA GLY A 28 -11.20 -6.61 0.48
C GLY A 28 -10.38 -7.63 1.22
N LYS A 29 -9.73 -8.52 0.48
CA LYS A 29 -8.94 -9.59 1.08
C LYS A 29 -7.47 -9.19 1.21
N ARG A 30 -7.03 -8.27 0.38
CA ARG A 30 -5.62 -7.91 0.32
C ARG A 30 -5.45 -6.43 0.66
N PHE A 31 -4.20 -6.00 0.72
CA PHE A 31 -3.88 -4.61 0.95
C PHE A 31 -3.47 -3.94 -0.36
N TYR A 32 -3.91 -2.71 -0.55
CA TYR A 32 -3.60 -1.97 -1.77
C TYR A 32 -3.11 -0.58 -1.42
N CYS A 33 -2.27 -0.03 -2.28
CA CYS A 33 -1.71 1.27 -2.07
C CYS A 33 -2.68 2.32 -2.58
N ARG A 34 -3.47 2.87 -1.68
CA ARG A 34 -4.52 3.81 -2.04
C ARG A 34 -4.23 5.19 -1.49
N ASP A 35 -4.85 6.19 -2.06
CA ASP A 35 -4.69 7.56 -1.63
C ASP A 35 -5.89 8.00 -0.81
N GLN A 36 -5.80 7.78 0.49
CA GLN A 36 -6.85 8.18 1.39
C GLN A 36 -6.43 9.42 2.16
N GLY A 1 7.93 6.05 -10.32
CA GLY A 1 6.47 6.01 -10.02
C GLY A 1 6.07 7.06 -9.03
N THR A 2 6.42 6.85 -7.77
CA THR A 2 6.09 7.80 -6.72
C THR A 2 6.99 7.53 -5.49
N TYR A 3 8.24 7.17 -5.79
CA TYR A 3 9.26 6.86 -4.77
C TYR A 3 8.94 5.54 -4.06
N CYS A 4 7.78 5.47 -3.45
CA CYS A 4 7.34 4.23 -2.82
C CYS A 4 6.44 3.48 -3.78
N ILE A 5 5.67 2.52 -3.28
CA ILE A 5 4.76 1.77 -4.13
C ILE A 5 3.77 2.72 -4.80
N GLU A 6 3.63 2.57 -6.11
CA GLU A 6 2.75 3.42 -6.89
C GLU A 6 1.29 3.16 -6.57
N LEU A 7 0.50 4.20 -6.72
CA LEU A 7 -0.88 4.21 -6.30
C LEU A 7 -1.71 3.27 -7.16
N GLY A 8 -2.24 2.24 -6.53
CA GLY A 8 -3.00 1.23 -7.24
C GLY A 8 -2.34 -0.14 -7.16
N GLU A 9 -1.09 -0.17 -6.72
CA GLU A 9 -0.36 -1.42 -6.60
C GLU A 9 -0.65 -2.11 -5.28
N ARG A 10 -0.19 -3.33 -5.17
CA ARG A 10 -0.42 -4.16 -4.00
C ARG A 10 0.52 -3.78 -2.88
N CYS A 11 0.12 -4.06 -1.65
CA CYS A 11 0.92 -3.73 -0.50
C CYS A 11 0.96 -4.90 0.48
N PRO A 12 2.13 -5.16 1.09
CA PRO A 12 2.27 -6.17 2.13
C PRO A 12 1.61 -5.71 3.42
N ASN A 13 1.35 -6.64 4.33
CA ASN A 13 0.72 -6.29 5.61
C ASN A 13 1.53 -5.18 6.29
N PRO A 14 0.94 -3.98 6.42
CA PRO A 14 1.66 -2.78 6.88
C PRO A 14 2.29 -2.92 8.26
N ARG A 15 1.88 -3.94 9.00
CA ARG A 15 2.48 -4.21 10.30
C ARG A 15 3.95 -4.60 10.13
N GLU A 16 4.30 -5.11 8.95
CA GLU A 16 5.68 -5.49 8.65
C GLU A 16 6.44 -4.30 8.08
N GLY A 17 5.74 -3.19 7.91
CA GLY A 17 6.33 -2.01 7.32
C GLY A 17 5.46 -1.46 6.22
N ASP A 18 5.59 -0.17 5.93
CA ASP A 18 4.76 0.45 4.90
C ASP A 18 5.61 1.09 3.83
N TRP A 19 5.60 0.51 2.64
CA TRP A 19 6.25 1.10 1.49
C TRP A 19 5.19 1.64 0.54
N CYS A 20 4.02 1.89 1.11
CA CYS A 20 2.82 2.31 0.38
C CYS A 20 2.80 3.81 0.14
N CYS A 21 3.79 4.49 0.72
CA CYS A 21 3.73 5.84 1.35
C CYS A 21 2.56 6.79 0.96
N HIS A 22 1.42 6.24 0.64
CA HIS A 22 0.15 6.95 0.69
C HIS A 22 -0.64 6.41 1.88
N LYS A 23 -1.34 5.30 1.66
CA LYS A 23 -1.92 4.53 2.75
C LYS A 23 -2.07 3.08 2.33
N CYS A 24 -1.46 2.17 3.08
CA CYS A 24 -1.62 0.75 2.84
C CYS A 24 -2.93 0.30 3.48
N VAL A 25 -3.98 0.35 2.68
CA VAL A 25 -5.32 0.17 3.19
C VAL A 25 -5.92 -1.12 2.64
N PRO A 26 -6.62 -1.89 3.49
CA PRO A 26 -7.24 -3.16 3.10
C PRO A 26 -8.38 -2.95 2.12
N GLU A 27 -8.22 -3.55 0.94
CA GLU A 27 -9.22 -3.50 -0.10
C GLU A 27 -9.83 -4.88 -0.26
N GLY A 28 -10.71 -5.26 0.64
CA GLY A 28 -11.22 -6.62 0.66
C GLY A 28 -10.29 -7.56 1.42
N LYS A 29 -9.65 -8.47 0.70
CA LYS A 29 -8.77 -9.44 1.34
C LYS A 29 -7.30 -9.03 1.30
N ARG A 30 -6.96 -8.18 0.36
CA ARG A 30 -5.58 -7.77 0.17
C ARG A 30 -5.38 -6.30 0.53
N PHE A 31 -4.12 -5.91 0.62
CA PHE A 31 -3.79 -4.51 0.89
C PHE A 31 -3.32 -3.84 -0.39
N TYR A 32 -3.66 -2.58 -0.54
CA TYR A 32 -3.28 -1.82 -1.73
C TYR A 32 -2.87 -0.41 -1.32
N CYS A 33 -2.04 0.21 -2.12
CA CYS A 33 -1.67 1.59 -1.89
C CYS A 33 -2.73 2.51 -2.45
N ARG A 34 -3.52 3.09 -1.56
CA ARG A 34 -4.59 3.99 -1.96
C ARG A 34 -4.32 5.38 -1.42
N ASP A 35 -4.91 6.37 -2.04
CA ASP A 35 -4.75 7.74 -1.62
C ASP A 35 -5.88 8.14 -0.67
N GLN A 36 -5.67 7.88 0.60
CA GLN A 36 -6.64 8.17 1.63
C GLN A 36 -6.10 9.21 2.59
N GLY A 1 9.73 6.26 -10.24
CA GLY A 1 9.20 7.65 -10.20
C GLY A 1 9.15 8.18 -8.78
N THR A 2 8.40 7.49 -7.93
CA THR A 2 8.34 7.82 -6.52
C THR A 2 9.10 6.77 -5.72
N TYR A 3 9.65 7.15 -4.57
CA TYR A 3 10.44 6.22 -3.78
C TYR A 3 9.55 5.39 -2.86
N CYS A 4 8.57 4.76 -3.47
CA CYS A 4 7.66 3.86 -2.76
C CYS A 4 6.73 3.20 -3.78
N ILE A 5 5.78 2.41 -3.29
CA ILE A 5 4.85 1.72 -4.16
C ILE A 5 3.83 2.71 -4.74
N GLU A 6 3.65 2.63 -6.05
CA GLU A 6 2.77 3.55 -6.74
C GLU A 6 1.30 3.26 -6.44
N LEU A 7 0.46 4.25 -6.67
CA LEU A 7 -0.93 4.22 -6.27
C LEU A 7 -1.71 3.22 -7.12
N GLY A 8 -2.31 2.24 -6.47
CA GLY A 8 -3.08 1.23 -7.16
C GLY A 8 -2.44 -0.14 -7.11
N GLU A 9 -1.20 -0.19 -6.61
CA GLU A 9 -0.47 -1.44 -6.52
C GLU A 9 -0.73 -2.13 -5.18
N ARG A 10 -0.32 -3.39 -5.10
CA ARG A 10 -0.49 -4.18 -3.90
C ARG A 10 0.57 -3.81 -2.87
N CYS A 11 0.18 -3.79 -1.61
CA CYS A 11 1.12 -3.50 -0.55
C CYS A 11 1.05 -4.58 0.53
N PRO A 12 2.19 -4.86 1.20
CA PRO A 12 2.21 -5.76 2.35
C PRO A 12 1.56 -5.09 3.57
N ASN A 13 0.98 -5.90 4.44
CA ASN A 13 0.28 -5.40 5.62
C ASN A 13 1.15 -4.39 6.37
N PRO A 14 0.63 -3.16 6.56
CA PRO A 14 1.38 -2.03 7.12
C PRO A 14 2.07 -2.35 8.45
N ARG A 15 1.52 -3.29 9.21
CA ARG A 15 2.11 -3.67 10.49
C ARG A 15 3.43 -4.42 10.28
N GLU A 16 3.63 -4.93 9.07
CA GLU A 16 4.86 -5.65 8.73
C GLU A 16 5.87 -4.68 8.11
N GLY A 17 5.43 -3.46 7.82
CA GLY A 17 6.29 -2.50 7.17
C GLY A 17 5.95 -2.30 5.71
N ASP A 18 5.01 -1.42 5.43
CA ASP A 18 4.57 -1.17 4.07
C ASP A 18 5.39 -0.06 3.42
N TRP A 19 5.60 -0.17 2.11
CA TRP A 19 6.32 0.85 1.35
C TRP A 19 5.33 1.61 0.48
N CYS A 20 4.13 1.79 1.03
CA CYS A 20 2.99 2.33 0.30
C CYS A 20 3.09 3.81 -0.05
N CYS A 21 4.13 4.48 0.46
CA CYS A 21 4.11 5.86 1.03
C CYS A 21 2.92 6.79 0.67
N HIS A 22 1.77 6.20 0.44
CA HIS A 22 0.48 6.88 0.51
C HIS A 22 -0.24 6.35 1.75
N LYS A 23 -1.05 5.31 1.59
CA LYS A 23 -1.58 4.55 2.71
C LYS A 23 -1.90 3.13 2.28
N CYS A 24 -1.40 2.16 3.03
CA CYS A 24 -1.67 0.75 2.72
C CYS A 24 -2.93 0.32 3.43
N VAL A 25 -4.02 0.22 2.67
CA VAL A 25 -5.32 -0.10 3.23
C VAL A 25 -5.82 -1.44 2.72
N PRO A 26 -6.56 -2.16 3.55
CA PRO A 26 -7.13 -3.45 3.18
C PRO A 26 -8.31 -3.29 2.25
N GLU A 27 -8.19 -3.86 1.06
CA GLU A 27 -9.24 -3.84 0.07
C GLU A 27 -9.78 -5.24 -0.08
N GLY A 28 -10.56 -5.68 0.88
CA GLY A 28 -11.08 -7.03 0.86
C GLY A 28 -10.04 -8.04 1.28
N LYS A 29 -9.58 -8.84 0.31
CA LYS A 29 -8.66 -9.93 0.60
C LYS A 29 -7.20 -9.48 0.55
N ARG A 30 -6.95 -8.32 -0.03
CA ARG A 30 -5.59 -7.83 -0.20
C ARG A 30 -5.42 -6.45 0.40
N PHE A 31 -4.21 -5.93 0.31
CA PHE A 31 -3.91 -4.55 0.67
C PHE A 31 -3.41 -3.81 -0.57
N TYR A 32 -3.77 -2.55 -0.67
CA TYR A 32 -3.38 -1.74 -1.82
C TYR A 32 -2.98 -0.35 -1.39
N CYS A 33 -2.05 0.24 -2.12
CA CYS A 33 -1.66 1.61 -1.88
C CYS A 33 -2.73 2.54 -2.42
N ARG A 34 -3.51 3.09 -1.51
CA ARG A 34 -4.58 4.00 -1.87
C ARG A 34 -4.26 5.39 -1.35
N ASP A 35 -4.88 6.39 -1.93
CA ASP A 35 -4.72 7.75 -1.48
C ASP A 35 -5.82 8.09 -0.50
N GLN A 36 -5.57 7.80 0.77
CA GLN A 36 -6.55 8.02 1.81
C GLN A 36 -6.06 9.12 2.73
N GLY A 1 6.42 6.57 -10.51
CA GLY A 1 5.91 7.92 -10.16
C GLY A 1 6.40 8.38 -8.80
N THR A 2 6.32 7.51 -7.82
CA THR A 2 6.79 7.83 -6.48
C THR A 2 7.96 6.92 -6.10
N TYR A 3 8.76 7.36 -5.13
CA TYR A 3 9.87 6.56 -4.63
C TYR A 3 9.38 5.44 -3.73
N CYS A 4 8.07 5.44 -3.49
CA CYS A 4 7.42 4.40 -2.71
C CYS A 4 6.61 3.50 -3.65
N ILE A 5 5.68 2.74 -3.10
CA ILE A 5 4.83 1.89 -3.93
C ILE A 5 3.83 2.75 -4.72
N GLU A 6 3.67 2.42 -5.99
CA GLU A 6 2.79 3.16 -6.88
C GLU A 6 1.36 3.08 -6.42
N LEU A 7 0.61 4.13 -6.75
CA LEU A 7 -0.77 4.24 -6.34
C LEU A 7 -1.63 3.33 -7.20
N GLY A 8 -2.35 2.42 -6.54
CA GLY A 8 -3.13 1.44 -7.26
C GLY A 8 -2.48 0.07 -7.22
N GLU A 9 -1.27 0.01 -6.70
CA GLU A 9 -0.54 -1.24 -6.55
C GLU A 9 -0.96 -1.97 -5.29
N ARG A 10 -0.46 -3.18 -5.13
CA ARG A 10 -0.73 -3.97 -3.94
C ARG A 10 0.42 -3.81 -2.96
N CYS A 11 0.10 -3.78 -1.68
CA CYS A 11 1.12 -3.57 -0.66
C CYS A 11 1.09 -4.69 0.37
N PRO A 12 2.25 -4.98 1.00
CA PRO A 12 2.32 -5.92 2.11
C PRO A 12 1.65 -5.35 3.35
N ASN A 13 1.13 -6.24 4.20
CA ASN A 13 0.42 -5.84 5.41
C ASN A 13 1.25 -4.83 6.21
N PRO A 14 0.74 -3.60 6.37
CA PRO A 14 1.48 -2.48 6.96
C PRO A 14 2.10 -2.79 8.32
N ARG A 15 1.55 -3.77 9.02
CA ARG A 15 2.08 -4.16 10.32
C ARG A 15 3.48 -4.77 10.21
N GLU A 16 3.90 -5.14 9.00
CA GLU A 16 5.24 -5.68 8.78
C GLU A 16 6.13 -4.67 8.07
N GLY A 17 5.65 -3.44 7.94
CA GLY A 17 6.42 -2.42 7.27
C GLY A 17 6.02 -2.24 5.82
N ASP A 18 5.28 -1.18 5.54
CA ASP A 18 4.84 -0.88 4.18
C ASP A 18 5.70 0.22 3.57
N TRP A 19 5.89 0.14 2.26
CA TRP A 19 6.59 1.17 1.52
C TRP A 19 5.58 1.92 0.67
N CYS A 20 4.36 2.00 1.18
CA CYS A 20 3.22 2.47 0.41
C CYS A 20 3.20 3.98 0.22
N CYS A 21 4.09 4.68 0.91
CA CYS A 21 3.89 6.01 1.56
C CYS A 21 2.70 6.87 1.08
N HIS A 22 1.62 6.22 0.65
CA HIS A 22 0.32 6.85 0.53
C HIS A 22 -0.53 6.34 1.69
N LYS A 23 -1.22 5.22 1.47
CA LYS A 23 -1.83 4.46 2.56
C LYS A 23 -1.96 3.01 2.14
N CYS A 24 -1.36 2.11 2.89
CA CYS A 24 -1.53 0.68 2.65
C CYS A 24 -2.79 0.25 3.35
N VAL A 25 -3.88 0.25 2.60
CA VAL A 25 -5.20 0.09 3.18
C VAL A 25 -5.84 -1.20 2.68
N PRO A 26 -6.48 -1.95 3.59
CA PRO A 26 -7.13 -3.22 3.26
C PRO A 26 -8.22 -3.08 2.20
N GLU A 27 -8.09 -3.88 1.16
CA GLU A 27 -9.06 -3.95 0.09
C GLU A 27 -9.54 -5.39 -0.06
N GLY A 28 -10.61 -5.75 0.63
CA GLY A 28 -11.09 -7.11 0.60
C GLY A 28 -10.20 -8.03 1.43
N LYS A 29 -9.50 -8.93 0.75
CA LYS A 29 -8.63 -9.87 1.44
C LYS A 29 -7.16 -9.52 1.22
N ARG A 30 -6.92 -8.41 0.53
CA ARG A 30 -5.58 -7.98 0.23
C ARG A 30 -5.37 -6.55 0.70
N PHE A 31 -4.18 -6.03 0.47
CA PHE A 31 -3.87 -4.64 0.80
C PHE A 31 -3.45 -3.90 -0.45
N TYR A 32 -3.90 -2.66 -0.58
CA TYR A 32 -3.63 -1.86 -1.75
C TYR A 32 -3.14 -0.49 -1.37
N CYS A 33 -2.39 0.11 -2.27
CA CYS A 33 -1.85 1.42 -2.06
C CYS A 33 -2.84 2.45 -2.58
N ARG A 34 -3.60 3.02 -1.67
CA ARG A 34 -4.64 3.99 -2.02
C ARG A 34 -4.22 5.37 -1.54
N ASP A 35 -4.85 6.39 -2.10
CA ASP A 35 -4.59 7.75 -1.70
C ASP A 35 -5.72 8.24 -0.81
N GLN A 36 -5.58 8.00 0.48
CA GLN A 36 -6.58 8.41 1.45
C GLN A 36 -6.04 9.58 2.26
N GLY A 1 7.53 -0.05 -8.86
CA GLY A 1 8.44 0.33 -7.75
C GLY A 1 9.18 1.61 -8.04
N THR A 2 9.27 2.48 -7.04
CA THR A 2 9.92 3.78 -7.21
C THR A 2 9.96 4.53 -5.87
N TYR A 3 10.88 4.11 -4.99
CA TYR A 3 11.03 4.67 -3.64
C TYR A 3 9.86 4.25 -2.73
N CYS A 4 8.65 4.42 -3.23
CA CYS A 4 7.45 3.95 -2.56
C CYS A 4 6.56 3.26 -3.58
N ILE A 5 5.78 2.30 -3.13
CA ILE A 5 4.88 1.55 -3.99
C ILE A 5 3.83 2.49 -4.56
N GLU A 6 3.74 2.55 -5.87
CA GLU A 6 2.91 3.50 -6.55
C GLU A 6 1.43 3.22 -6.33
N LEU A 7 0.64 4.27 -6.48
CA LEU A 7 -0.78 4.26 -6.20
C LEU A 7 -1.51 3.29 -7.12
N GLY A 8 -2.22 2.35 -6.53
CA GLY A 8 -2.95 1.37 -7.31
C GLY A 8 -2.37 -0.03 -7.20
N GLU A 9 -1.14 -0.11 -6.70
CA GLU A 9 -0.46 -1.37 -6.56
C GLU A 9 -0.83 -2.06 -5.25
N ARG A 10 -0.45 -3.32 -5.14
CA ARG A 10 -0.71 -4.12 -3.96
C ARG A 10 0.43 -3.96 -2.97
N CYS A 11 0.09 -3.84 -1.70
CA CYS A 11 1.11 -3.67 -0.67
C CYS A 11 1.04 -4.80 0.34
N PRO A 12 2.20 -5.18 0.90
CA PRO A 12 2.25 -6.08 2.06
C PRO A 12 1.61 -5.39 3.26
N ASN A 13 1.03 -6.19 4.15
CA ASN A 13 0.36 -5.68 5.34
C ASN A 13 1.26 -4.67 6.06
N PRO A 14 0.78 -3.43 6.25
CA PRO A 14 1.59 -2.32 6.80
C PRO A 14 2.23 -2.65 8.14
N ARG A 15 1.72 -3.68 8.81
CA ARG A 15 2.26 -4.12 10.08
C ARG A 15 3.63 -4.79 9.89
N GLU A 16 3.89 -5.26 8.67
CA GLU A 16 5.18 -5.88 8.35
C GLU A 16 6.03 -4.94 7.49
N GLY A 17 5.61 -3.69 7.41
CA GLY A 17 6.34 -2.72 6.61
C GLY A 17 5.42 -1.96 5.67
N ASP A 18 5.46 -0.63 5.73
CA ASP A 18 4.61 0.19 4.87
C ASP A 18 5.44 0.94 3.85
N TRP A 19 5.37 0.51 2.60
CA TRP A 19 6.11 1.16 1.52
C TRP A 19 5.15 1.88 0.58
N CYS A 20 3.91 1.99 1.02
CA CYS A 20 2.81 2.52 0.21
C CYS A 20 2.88 4.01 -0.04
N CYS A 21 3.85 4.67 0.57
CA CYS A 21 3.78 6.01 1.22
C CYS A 21 2.60 6.94 0.84
N HIS A 22 1.46 6.36 0.49
CA HIS A 22 0.17 7.04 0.55
C HIS A 22 -0.60 6.45 1.73
N LYS A 23 -1.26 5.31 1.50
CA LYS A 23 -1.82 4.51 2.58
C LYS A 23 -1.95 3.06 2.14
N CYS A 24 -1.35 2.14 2.89
CA CYS A 24 -1.52 0.72 2.64
C CYS A 24 -2.76 0.26 3.37
N VAL A 25 -3.87 0.31 2.66
CA VAL A 25 -5.16 0.12 3.27
C VAL A 25 -5.81 -1.15 2.74
N PRO A 26 -6.48 -1.92 3.62
CA PRO A 26 -7.15 -3.16 3.23
C PRO A 26 -8.20 -2.94 2.14
N GLU A 27 -8.05 -3.70 1.07
CA GLU A 27 -8.96 -3.63 -0.06
C GLU A 27 -9.55 -5.02 -0.30
N GLY A 28 -10.50 -5.39 0.55
CA GLY A 28 -11.03 -6.74 0.51
C GLY A 28 -10.17 -7.70 1.31
N LYS A 29 -9.50 -8.60 0.62
CA LYS A 29 -8.64 -9.57 1.28
C LYS A 29 -7.20 -9.07 1.36
N ARG A 30 -6.79 -8.36 0.32
CA ARG A 30 -5.41 -7.92 0.20
C ARG A 30 -5.30 -6.45 0.59
N PHE A 31 -4.08 -5.94 0.54
CA PHE A 31 -3.83 -4.54 0.85
C PHE A 31 -3.37 -3.81 -0.39
N TYR A 32 -3.78 -2.57 -0.53
CA TYR A 32 -3.47 -1.77 -1.71
C TYR A 32 -3.03 -0.37 -1.32
N CYS A 33 -2.14 0.20 -2.11
CA CYS A 33 -1.73 1.58 -1.91
C CYS A 33 -2.80 2.51 -2.45
N ARG A 34 -3.60 3.05 -1.55
CA ARG A 34 -4.68 3.94 -1.92
C ARG A 34 -4.39 5.34 -1.43
N ASP A 35 -5.06 6.32 -2.00
CA ASP A 35 -4.92 7.69 -1.57
C ASP A 35 -6.11 8.06 -0.70
N GLN A 36 -5.99 7.80 0.59
CA GLN A 36 -7.05 8.07 1.52
C GLN A 36 -6.71 9.30 2.35
N GLY A 1 12.67 5.95 -10.49
CA GLY A 1 12.73 4.84 -9.51
C GLY A 1 11.60 4.93 -8.49
N THR A 2 11.28 3.80 -7.88
CA THR A 2 10.21 3.74 -6.89
C THR A 2 10.73 4.11 -5.50
N TYR A 3 10.46 5.35 -5.06
CA TYR A 3 10.75 5.74 -3.68
C TYR A 3 9.85 4.97 -2.72
N CYS A 4 8.59 4.82 -3.13
CA CYS A 4 7.59 4.09 -2.38
C CYS A 4 6.54 3.57 -3.36
N ILE A 5 5.81 2.54 -2.95
CA ILE A 5 4.89 1.82 -3.85
C ILE A 5 3.91 2.76 -4.54
N GLU A 6 3.81 2.58 -5.86
CA GLU A 6 2.92 3.39 -6.69
C GLU A 6 1.48 3.24 -6.27
N LEU A 7 0.69 4.24 -6.61
CA LEU A 7 -0.69 4.31 -6.22
C LEU A 7 -1.54 3.42 -7.11
N GLY A 8 -2.30 2.53 -6.48
CA GLY A 8 -3.11 1.58 -7.22
C GLY A 8 -2.49 0.21 -7.23
N GLU A 9 -1.27 0.12 -6.72
CA GLU A 9 -0.54 -1.14 -6.68
C GLU A 9 -0.88 -1.94 -5.44
N ARG A 10 -0.36 -3.15 -5.39
CA ARG A 10 -0.51 -4.02 -4.23
C ARG A 10 0.56 -3.72 -3.19
N CYS A 11 0.19 -3.80 -1.92
CA CYS A 11 1.12 -3.53 -0.84
C CYS A 11 1.02 -4.62 0.24
N PRO A 12 2.12 -4.85 0.98
CA PRO A 12 2.12 -5.77 2.12
C PRO A 12 1.50 -5.12 3.34
N ASN A 13 0.96 -5.95 4.24
CA ASN A 13 0.32 -5.46 5.46
C ASN A 13 1.25 -4.49 6.18
N PRO A 14 0.83 -3.22 6.32
CA PRO A 14 1.67 -2.14 6.86
C PRO A 14 2.21 -2.41 8.27
N ARG A 15 1.63 -3.41 8.92
CA ARG A 15 2.07 -3.79 10.26
C ARG A 15 3.49 -4.37 10.23
N GLU A 16 3.92 -4.85 9.07
CA GLU A 16 5.23 -5.47 8.94
C GLU A 16 6.11 -4.70 7.95
N GLY A 17 5.78 -3.45 7.72
CA GLY A 17 6.58 -2.63 6.83
C GLY A 17 5.72 -1.90 5.81
N ASP A 18 5.42 -0.64 6.08
CA ASP A 18 4.64 0.17 5.14
C ASP A 18 5.57 0.93 4.21
N TRP A 19 5.63 0.50 2.96
CA TRP A 19 6.44 1.16 1.95
C TRP A 19 5.53 1.78 0.89
N CYS A 20 4.34 2.12 1.34
CA CYS A 20 3.26 2.54 0.46
C CYS A 20 3.29 4.02 0.11
N CYS A 21 4.22 4.76 0.73
CA CYS A 21 4.03 6.15 1.27
C CYS A 21 2.78 6.94 0.82
N HIS A 22 1.70 6.24 0.53
CA HIS A 22 0.38 6.84 0.43
C HIS A 22 -0.45 6.33 1.60
N LYS A 23 -1.19 5.24 1.39
CA LYS A 23 -1.77 4.47 2.48
C LYS A 23 -1.99 3.04 2.04
N CYS A 24 -1.34 2.10 2.70
CA CYS A 24 -1.57 0.69 2.45
C CYS A 24 -2.80 0.27 3.22
N VAL A 25 -3.91 0.15 2.52
CA VAL A 25 -5.19 -0.01 3.15
C VAL A 25 -5.85 -1.31 2.70
N PRO A 26 -6.43 -2.06 3.65
CA PRO A 26 -7.10 -3.33 3.33
C PRO A 26 -8.32 -3.13 2.44
N GLU A 27 -8.27 -3.75 1.28
CA GLU A 27 -9.35 -3.70 0.33
C GLU A 27 -9.95 -5.09 0.19
N GLY A 28 -10.76 -5.47 1.16
CA GLY A 28 -11.29 -6.81 1.19
C GLY A 28 -10.33 -7.80 1.82
N LYS A 29 -9.78 -8.71 1.02
CA LYS A 29 -8.91 -9.74 1.55
C LYS A 29 -7.43 -9.44 1.31
N ARG A 30 -7.17 -8.41 0.53
CA ARG A 30 -5.80 -8.04 0.21
C ARG A 30 -5.57 -6.56 0.51
N PHE A 31 -4.32 -6.14 0.41
CA PHE A 31 -3.96 -4.75 0.68
C PHE A 31 -3.55 -4.06 -0.61
N TYR A 32 -3.96 -2.82 -0.75
CA TYR A 32 -3.65 -2.03 -1.94
C TYR A 32 -3.21 -0.65 -1.52
N CYS A 33 -2.38 -0.04 -2.35
CA CYS A 33 -1.87 1.28 -2.07
C CYS A 33 -2.85 2.31 -2.57
N ARG A 34 -3.59 2.90 -1.66
CA ARG A 34 -4.63 3.84 -2.01
C ARG A 34 -4.29 5.22 -1.48
N ASP A 35 -4.90 6.22 -2.08
CA ASP A 35 -4.70 7.60 -1.66
C ASP A 35 -5.86 8.04 -0.80
N GLN A 36 -5.71 7.86 0.50
CA GLN A 36 -6.73 8.25 1.45
C GLN A 36 -6.23 9.44 2.26
N GLY A 1 14.27 1.80 -9.12
CA GLY A 1 13.57 2.87 -8.37
C GLY A 1 12.40 2.34 -7.56
N THR A 2 11.35 3.16 -7.45
CA THR A 2 10.18 2.80 -6.66
C THR A 2 10.53 2.71 -5.17
N TYR A 3 10.88 3.86 -4.59
CA TYR A 3 11.12 3.94 -3.16
C TYR A 3 9.80 3.78 -2.40
N CYS A 4 8.72 4.19 -3.04
CA CYS A 4 7.39 3.95 -2.52
C CYS A 4 6.55 3.28 -3.61
N ILE A 5 5.71 2.35 -3.19
CA ILE A 5 4.90 1.56 -4.12
C ILE A 5 3.91 2.45 -4.84
N GLU A 6 3.79 2.27 -6.15
CA GLU A 6 2.89 3.08 -6.97
C GLU A 6 1.45 3.03 -6.45
N LEU A 7 0.75 4.14 -6.58
CA LEU A 7 -0.61 4.26 -6.11
C LEU A 7 -1.51 3.40 -6.99
N GLY A 8 -2.21 2.47 -6.36
CA GLY A 8 -3.06 1.55 -7.07
C GLY A 8 -2.50 0.14 -7.09
N GLU A 9 -1.27 0.00 -6.61
CA GLU A 9 -0.61 -1.29 -6.55
C GLU A 9 -0.96 -2.02 -5.25
N ARG A 10 -0.48 -3.25 -5.15
CA ARG A 10 -0.71 -4.07 -3.96
C ARG A 10 0.41 -3.88 -2.96
N CYS A 11 0.08 -3.92 -1.69
CA CYS A 11 1.08 -3.75 -0.65
C CYS A 11 0.96 -4.88 0.38
N PRO A 12 2.08 -5.30 0.97
CA PRO A 12 2.08 -6.23 2.09
C PRO A 12 1.49 -5.56 3.32
N ASN A 13 1.06 -6.35 4.31
CA ASN A 13 0.40 -5.82 5.50
C ASN A 13 1.23 -4.70 6.11
N PRO A 14 0.67 -3.48 6.16
CA PRO A 14 1.39 -2.27 6.59
C PRO A 14 1.97 -2.37 7.99
N ARG A 15 1.48 -3.31 8.80
CA ARG A 15 2.02 -3.50 10.13
C ARG A 15 3.45 -4.02 10.05
N GLU A 16 3.79 -4.66 8.94
CA GLU A 16 5.13 -5.17 8.72
C GLU A 16 5.99 -4.10 8.05
N GLY A 17 5.38 -2.98 7.73
CA GLY A 17 6.05 -1.90 7.03
C GLY A 17 5.18 -1.31 5.93
N ASP A 18 5.13 0.01 5.84
CA ASP A 18 4.30 0.66 4.83
C ASP A 18 5.19 1.33 3.80
N TRP A 19 5.26 0.75 2.61
CA TRP A 19 6.07 1.27 1.53
C TRP A 19 5.18 1.98 0.50
N CYS A 20 3.93 2.14 0.88
CA CYS A 20 2.89 2.69 0.02
C CYS A 20 3.00 4.19 -0.18
N CYS A 21 3.97 4.80 0.47
CA CYS A 21 3.90 6.11 1.17
C CYS A 21 2.73 7.07 0.83
N HIS A 22 1.59 6.51 0.45
CA HIS A 22 0.31 7.20 0.57
C HIS A 22 -0.44 6.59 1.75
N LYS A 23 -1.17 5.50 1.52
CA LYS A 23 -1.74 4.72 2.60
C LYS A 23 -1.99 3.27 2.15
N CYS A 24 -1.36 2.31 2.81
CA CYS A 24 -1.61 0.90 2.53
C CYS A 24 -2.82 0.44 3.33
N VAL A 25 -3.91 0.18 2.62
CA VAL A 25 -5.16 -0.12 3.26
C VAL A 25 -5.72 -1.46 2.79
N PRO A 26 -6.61 -2.07 3.58
CA PRO A 26 -7.20 -3.36 3.25
C PRO A 26 -8.34 -3.23 2.26
N GLU A 27 -8.17 -3.87 1.13
CA GLU A 27 -9.19 -3.90 0.10
C GLU A 27 -9.74 -5.33 0.02
N GLY A 28 -10.56 -5.68 0.99
CA GLY A 28 -11.05 -7.05 1.06
C GLY A 28 -10.00 -8.00 1.58
N LYS A 29 -9.53 -8.88 0.71
CA LYS A 29 -8.58 -9.91 1.09
C LYS A 29 -7.14 -9.41 1.06
N ARG A 30 -6.86 -8.44 0.22
CA ARG A 30 -5.49 -7.96 0.04
C ARG A 30 -5.38 -6.49 0.42
N PHE A 31 -4.15 -6.02 0.48
CA PHE A 31 -3.89 -4.61 0.78
C PHE A 31 -3.42 -3.90 -0.48
N TYR A 32 -3.80 -2.63 -0.61
CA TYR A 32 -3.46 -1.83 -1.77
C TYR A 32 -3.02 -0.44 -1.35
N CYS A 33 -2.12 0.16 -2.12
CA CYS A 33 -1.70 1.51 -1.87
C CYS A 33 -2.74 2.46 -2.41
N ARG A 34 -3.54 3.02 -1.52
CA ARG A 34 -4.60 3.94 -1.91
C ARG A 34 -4.30 5.31 -1.33
N ASP A 35 -4.95 6.32 -1.89
CA ASP A 35 -4.81 7.67 -1.37
C ASP A 35 -6.06 8.05 -0.58
N GLN A 36 -6.04 7.72 0.69
CA GLN A 36 -7.17 8.01 1.56
C GLN A 36 -7.00 9.37 2.21
N GLY A 1 14.23 -0.73 -8.82
CA GLY A 1 14.11 -0.05 -7.51
C GLY A 1 13.11 1.07 -7.54
N THR A 2 12.37 1.25 -6.46
CA THR A 2 11.36 2.30 -6.37
C THR A 2 11.01 2.56 -4.91
N TYR A 3 11.02 3.82 -4.50
CA TYR A 3 10.67 4.18 -3.15
C TYR A 3 9.22 4.63 -3.09
N CYS A 4 8.49 4.08 -2.12
CA CYS A 4 7.04 4.28 -2.01
C CYS A 4 6.31 3.61 -3.18
N ILE A 5 5.50 2.62 -2.84
CA ILE A 5 4.81 1.80 -3.81
C ILE A 5 3.84 2.61 -4.64
N GLU A 6 3.81 2.33 -5.94
CA GLU A 6 2.98 3.06 -6.88
C GLU A 6 1.52 3.02 -6.46
N LEU A 7 0.85 4.13 -6.65
CA LEU A 7 -0.53 4.29 -6.26
C LEU A 7 -1.41 3.44 -7.16
N GLY A 8 -2.12 2.51 -6.56
CA GLY A 8 -2.92 1.57 -7.33
C GLY A 8 -2.36 0.16 -7.25
N GLU A 9 -1.14 0.03 -6.78
CA GLU A 9 -0.49 -1.27 -6.65
C GLU A 9 -0.88 -1.95 -5.35
N ARG A 10 -0.60 -3.24 -5.28
CA ARG A 10 -0.82 -4.00 -4.07
C ARG A 10 0.32 -3.74 -3.09
N CYS A 11 0.02 -3.73 -1.81
CA CYS A 11 1.03 -3.48 -0.80
C CYS A 11 1.04 -4.61 0.24
N PRO A 12 2.24 -5.06 0.64
CA PRO A 12 2.40 -6.02 1.74
C PRO A 12 1.76 -5.50 3.02
N ASN A 13 1.42 -6.40 3.93
CA ASN A 13 0.80 -6.04 5.20
C ASN A 13 1.59 -4.93 5.89
N PRO A 14 1.00 -3.73 6.02
CA PRO A 14 1.69 -2.53 6.51
C PRO A 14 2.31 -2.70 7.89
N ARG A 15 1.84 -3.69 8.64
CA ARG A 15 2.38 -3.97 9.97
C ARG A 15 3.81 -4.50 9.86
N GLU A 16 4.17 -5.02 8.68
CA GLU A 16 5.52 -5.53 8.43
C GLU A 16 6.43 -4.41 7.94
N GLY A 17 5.84 -3.27 7.64
CA GLY A 17 6.59 -2.16 7.10
C GLY A 17 5.86 -1.49 5.96
N ASP A 18 5.41 -0.25 6.16
CA ASP A 18 4.66 0.46 5.13
C ASP A 18 5.62 1.18 4.19
N TRP A 19 5.65 0.73 2.95
CA TRP A 19 6.42 1.39 1.92
C TRP A 19 5.47 2.00 0.90
N CYS A 20 4.27 2.31 1.36
CA CYS A 20 3.16 2.73 0.52
C CYS A 20 3.17 4.21 0.21
N CYS A 21 4.09 4.93 0.84
CA CYS A 21 3.91 6.27 1.45
C CYS A 21 2.69 7.12 1.01
N HIS A 22 1.61 6.48 0.62
CA HIS A 22 0.29 7.10 0.61
C HIS A 22 -0.51 6.50 1.76
N LYS A 23 -1.23 5.42 1.49
CA LYS A 23 -1.83 4.62 2.55
C LYS A 23 -2.08 3.19 2.06
N CYS A 24 -1.59 2.22 2.80
CA CYS A 24 -1.82 0.82 2.49
C CYS A 24 -3.08 0.35 3.20
N VAL A 25 -4.18 0.28 2.47
CA VAL A 25 -5.47 -0.02 3.08
C VAL A 25 -5.95 -1.40 2.66
N PRO A 26 -6.66 -2.08 3.56
CA PRO A 26 -7.23 -3.40 3.29
C PRO A 26 -8.50 -3.30 2.47
N GLU A 27 -8.49 -3.96 1.32
CA GLU A 27 -9.66 -4.02 0.46
C GLU A 27 -10.07 -5.48 0.32
N GLY A 28 -10.93 -5.95 1.21
CA GLY A 28 -11.29 -7.35 1.21
C GLY A 28 -10.29 -8.16 2.00
N LYS A 29 -9.52 -8.99 1.30
CA LYS A 29 -8.53 -9.83 1.97
C LYS A 29 -7.12 -9.28 1.73
N ARG A 30 -6.98 -8.40 0.76
CA ARG A 30 -5.68 -7.92 0.35
C ARG A 30 -5.52 -6.45 0.70
N PHE A 31 -4.28 -5.98 0.62
CA PHE A 31 -3.97 -4.58 0.87
C PHE A 31 -3.57 -3.90 -0.43
N TYR A 32 -4.01 -2.66 -0.61
CA TYR A 32 -3.72 -1.91 -1.80
C TYR A 32 -3.31 -0.49 -1.46
N CYS A 33 -2.45 0.07 -2.28
CA CYS A 33 -1.93 1.40 -2.04
C CYS A 33 -2.89 2.44 -2.59
N ARG A 34 -3.57 3.12 -1.70
CA ARG A 34 -4.61 4.07 -2.08
C ARG A 34 -4.29 5.45 -1.54
N ASP A 35 -4.87 6.46 -2.15
CA ASP A 35 -4.70 7.82 -1.70
C ASP A 35 -5.90 8.24 -0.84
N GLN A 36 -5.78 7.98 0.45
CA GLN A 36 -6.86 8.28 1.39
C GLN A 36 -6.45 9.43 2.30
N GLY A 1 3.51 7.68 -9.65
CA GLY A 1 4.34 8.86 -9.33
C GLY A 1 4.61 8.99 -7.85
N THR A 2 5.67 8.34 -7.39
CA THR A 2 6.06 8.39 -5.99
C THR A 2 7.37 7.62 -5.79
N TYR A 3 8.13 8.01 -4.78
CA TYR A 3 9.37 7.30 -4.42
C TYR A 3 9.05 6.12 -3.50
N CYS A 4 7.80 5.70 -3.54
CA CYS A 4 7.33 4.58 -2.75
C CYS A 4 6.50 3.67 -3.67
N ILE A 5 5.68 2.79 -3.11
CA ILE A 5 4.84 1.93 -3.92
C ILE A 5 3.83 2.75 -4.71
N GLU A 6 3.76 2.49 -6.01
CA GLU A 6 2.89 3.23 -6.91
C GLU A 6 1.43 3.10 -6.49
N LEU A 7 0.69 4.15 -6.75
CA LEU A 7 -0.70 4.24 -6.32
C LEU A 7 -1.57 3.35 -7.19
N GLY A 8 -2.16 2.34 -6.56
CA GLY A 8 -2.91 1.34 -7.29
C GLY A 8 -2.31 -0.04 -7.16
N GLU A 9 -1.04 -0.09 -6.78
CA GLU A 9 -0.34 -1.35 -6.63
C GLU A 9 -0.76 -2.08 -5.36
N ARG A 10 -0.39 -3.35 -5.26
CA ARG A 10 -0.65 -4.14 -4.07
C ARG A 10 0.45 -3.90 -3.06
N CYS A 11 0.10 -3.77 -1.81
CA CYS A 11 1.09 -3.51 -0.78
C CYS A 11 1.14 -4.64 0.24
N PRO A 12 2.33 -4.88 0.81
CA PRO A 12 2.50 -5.85 1.90
C PRO A 12 1.84 -5.36 3.18
N ASN A 13 1.45 -6.29 4.05
CA ASN A 13 0.74 -5.97 5.29
C ASN A 13 1.52 -4.90 6.07
N PRO A 14 0.89 -3.72 6.27
CA PRO A 14 1.54 -2.55 6.86
C PRO A 14 2.13 -2.80 8.25
N ARG A 15 1.66 -3.84 8.93
CA ARG A 15 2.20 -4.17 10.24
C ARG A 15 3.67 -4.59 10.15
N GLU A 16 4.08 -5.06 8.97
CA GLU A 16 5.46 -5.47 8.75
C GLU A 16 6.30 -4.32 8.22
N GLY A 17 5.67 -3.16 8.05
CA GLY A 17 6.37 -2.02 7.51
C GLY A 17 6.06 -1.82 6.03
N ASP A 18 5.08 -0.99 5.74
CA ASP A 18 4.69 -0.72 4.36
C ASP A 18 5.54 0.39 3.75
N TRP A 19 5.77 0.29 2.46
CA TRP A 19 6.50 1.32 1.72
C TRP A 19 5.52 1.99 0.77
N CYS A 20 4.31 2.13 1.24
CA CYS A 20 3.17 2.58 0.43
C CYS A 20 3.13 4.09 0.25
N CYS A 21 4.03 4.78 0.94
CA CYS A 21 3.82 6.11 1.59
C CYS A 21 2.61 6.96 1.16
N HIS A 22 1.54 6.31 0.76
CA HIS A 22 0.22 6.92 0.69
C HIS A 22 -0.62 6.31 1.81
N LYS A 23 -1.28 5.20 1.51
CA LYS A 23 -1.90 4.36 2.54
C LYS A 23 -2.00 2.93 2.05
N CYS A 24 -1.44 2.00 2.81
CA CYS A 24 -1.64 0.59 2.53
C CYS A 24 -2.93 0.16 3.18
N VAL A 25 -4.00 0.25 2.43
CA VAL A 25 -5.33 0.13 2.99
C VAL A 25 -5.95 -1.21 2.60
N PRO A 26 -6.51 -1.93 3.58
CA PRO A 26 -7.15 -3.23 3.34
C PRO A 26 -8.41 -3.12 2.51
N GLU A 27 -8.37 -3.79 1.37
CA GLU A 27 -9.51 -3.87 0.46
C GLU A 27 -10.01 -5.30 0.43
N GLY A 28 -10.88 -5.65 1.36
CA GLY A 28 -11.33 -7.01 1.46
C GLY A 28 -10.31 -7.89 2.14
N LYS A 29 -9.71 -8.79 1.37
CA LYS A 29 -8.70 -9.70 1.91
C LYS A 29 -7.29 -9.14 1.71
N ARG A 30 -7.13 -8.38 0.63
CA ARG A 30 -5.82 -7.91 0.24
C ARG A 30 -5.58 -6.48 0.71
N PHE A 31 -4.36 -6.00 0.50
CA PHE A 31 -4.00 -4.62 0.77
C PHE A 31 -3.60 -3.93 -0.52
N TYR A 32 -4.05 -2.71 -0.70
CA TYR A 32 -3.73 -1.94 -1.90
C TYR A 32 -3.24 -0.57 -1.53
N CYS A 33 -2.39 -0.02 -2.37
CA CYS A 33 -1.80 1.28 -2.13
C CYS A 33 -2.74 2.35 -2.63
N ARG A 34 -3.48 2.95 -1.72
CA ARG A 34 -4.48 3.94 -2.08
C ARG A 34 -4.17 5.27 -1.43
N ASP A 35 -4.79 6.31 -1.93
CA ASP A 35 -4.58 7.66 -1.39
C ASP A 35 -5.80 8.10 -0.61
N GLN A 36 -5.80 7.79 0.68
CA GLN A 36 -6.90 8.13 1.55
C GLN A 36 -6.45 9.16 2.58
N GLY A 1 9.50 4.23 -11.15
CA GLY A 1 8.36 4.52 -10.24
C GLY A 1 8.64 5.70 -9.32
N THR A 2 7.92 5.77 -8.22
CA THR A 2 8.11 6.84 -7.25
C THR A 2 8.94 6.33 -6.07
N TYR A 3 9.21 7.21 -5.10
CA TYR A 3 10.03 6.85 -3.93
C TYR A 3 9.24 5.99 -2.94
N CYS A 4 8.09 5.53 -3.38
CA CYS A 4 7.24 4.64 -2.61
C CYS A 4 6.54 3.68 -3.58
N ILE A 5 5.62 2.87 -3.07
CA ILE A 5 4.84 2.00 -3.92
C ILE A 5 3.86 2.82 -4.74
N GLU A 6 3.78 2.50 -6.04
CA GLU A 6 2.90 3.20 -6.95
C GLU A 6 1.45 3.08 -6.48
N LEU A 7 0.70 4.14 -6.74
CA LEU A 7 -0.67 4.21 -6.31
C LEU A 7 -1.53 3.31 -7.18
N GLY A 8 -2.20 2.36 -6.54
CA GLY A 8 -2.97 1.37 -7.27
C GLY A 8 -2.34 0.00 -7.23
N GLU A 9 -1.14 -0.08 -6.68
CA GLU A 9 -0.41 -1.34 -6.59
C GLU A 9 -0.80 -2.11 -5.34
N ARG A 10 -0.37 -3.37 -5.29
CA ARG A 10 -0.61 -4.23 -4.14
C ARG A 10 0.52 -4.05 -3.14
N CYS A 11 0.17 -3.79 -1.89
CA CYS A 11 1.17 -3.50 -0.88
C CYS A 11 1.22 -4.59 0.18
N PRO A 12 2.40 -4.79 0.81
CA PRO A 12 2.55 -5.72 1.93
C PRO A 12 1.84 -5.19 3.16
N ASN A 13 1.31 -6.10 3.98
CA ASN A 13 0.57 -5.73 5.18
C ASN A 13 1.36 -4.73 6.01
N PRO A 14 0.80 -3.53 6.23
CA PRO A 14 1.49 -2.43 6.91
C PRO A 14 2.01 -2.79 8.30
N ARG A 15 1.44 -3.83 8.91
CA ARG A 15 1.91 -4.28 10.21
C ARG A 15 3.30 -4.91 10.10
N GLU A 16 3.68 -5.26 8.88
CA GLU A 16 4.99 -5.85 8.62
C GLU A 16 5.94 -4.79 8.04
N GLY A 17 5.40 -3.60 7.78
CA GLY A 17 6.20 -2.56 7.18
C GLY A 17 5.84 -2.32 5.73
N ASP A 18 5.19 -1.20 5.45
CA ASP A 18 4.78 -0.87 4.09
C ASP A 18 5.60 0.30 3.56
N TRP A 19 5.86 0.28 2.26
CA TRP A 19 6.58 1.36 1.61
C TRP A 19 5.60 2.13 0.73
N CYS A 20 4.36 2.21 1.20
CA CYS A 20 3.25 2.71 0.41
C CYS A 20 3.20 4.22 0.29
N CYS A 21 4.03 4.90 1.07
CA CYS A 21 3.74 6.18 1.79
C CYS A 21 2.53 7.03 1.33
N HIS A 22 1.51 6.38 0.80
CA HIS A 22 0.19 6.96 0.68
C HIS A 22 -0.67 6.35 1.77
N LYS A 23 -1.29 5.21 1.47
CA LYS A 23 -1.92 4.38 2.48
C LYS A 23 -1.99 2.94 2.00
N CYS A 24 -1.33 2.04 2.72
CA CYS A 24 -1.50 0.63 2.47
C CYS A 24 -2.75 0.18 3.21
N VAL A 25 -3.85 0.20 2.51
CA VAL A 25 -5.14 0.08 3.13
C VAL A 25 -5.81 -1.24 2.75
N PRO A 26 -6.44 -1.93 3.71
CA PRO A 26 -7.12 -3.19 3.47
C PRO A 26 -8.33 -3.01 2.56
N GLU A 27 -8.30 -3.67 1.42
CA GLU A 27 -9.37 -3.60 0.45
C GLU A 27 -9.97 -4.98 0.29
N GLY A 28 -10.79 -5.39 1.25
CA GLY A 28 -11.35 -6.72 1.22
C GLY A 28 -10.39 -7.73 1.81
N LYS A 29 -9.86 -8.61 0.96
CA LYS A 29 -8.97 -9.67 1.43
C LYS A 29 -7.50 -9.32 1.21
N ARG A 30 -7.24 -8.28 0.43
CA ARG A 30 -5.87 -7.88 0.15
C ARG A 30 -5.63 -6.44 0.61
N PHE A 31 -4.39 -6.01 0.49
CA PHE A 31 -4.00 -4.64 0.76
C PHE A 31 -3.56 -3.97 -0.54
N TYR A 32 -4.00 -2.74 -0.74
CA TYR A 32 -3.63 -2.00 -1.93
C TYR A 32 -3.20 -0.60 -1.56
N CYS A 33 -2.35 -0.03 -2.37
CA CYS A 33 -1.84 1.29 -2.11
C CYS A 33 -2.83 2.32 -2.62
N ARG A 34 -3.58 2.89 -1.70
CA ARG A 34 -4.61 3.86 -2.03
C ARG A 34 -4.23 5.21 -1.43
N ASP A 35 -4.82 6.26 -1.96
CA ASP A 35 -4.56 7.59 -1.44
C ASP A 35 -5.79 8.13 -0.72
N GLN A 36 -5.86 7.83 0.56
CA GLN A 36 -6.93 8.33 1.41
C GLN A 36 -6.44 9.54 2.19
N GLY A 1 13.11 -3.74 -1.66
CA GLY A 1 13.02 -2.30 -1.35
C GLY A 1 12.51 -1.51 -2.55
N THR A 2 11.94 -0.35 -2.28
CA THR A 2 11.41 0.50 -3.33
C THR A 2 11.05 1.87 -2.73
N TYR A 3 11.11 2.92 -3.56
CA TYR A 3 10.80 4.25 -3.08
C TYR A 3 9.30 4.50 -3.16
N CYS A 4 8.58 3.87 -2.24
CA CYS A 4 7.13 3.96 -2.15
C CYS A 4 6.44 3.28 -3.34
N ILE A 5 5.44 2.48 -3.03
CA ILE A 5 4.71 1.70 -4.01
C ILE A 5 3.82 2.60 -4.85
N GLU A 6 3.80 2.34 -6.15
CA GLU A 6 2.96 3.07 -7.07
C GLU A 6 1.50 3.00 -6.62
N LEU A 7 0.83 4.13 -6.73
CA LEU A 7 -0.52 4.26 -6.23
C LEU A 7 -1.49 3.44 -7.08
N GLY A 8 -2.18 2.51 -6.42
CA GLY A 8 -3.07 1.61 -7.13
C GLY A 8 -2.58 0.19 -7.12
N GLU A 9 -1.29 0.02 -6.81
CA GLU A 9 -0.68 -1.30 -6.78
C GLU A 9 -1.05 -2.04 -5.51
N ARG A 10 -0.75 -3.33 -5.48
CA ARG A 10 -0.96 -4.13 -4.28
C ARG A 10 0.11 -3.79 -3.25
N CYS A 11 -0.23 -3.95 -1.99
CA CYS A 11 0.66 -3.56 -0.91
C CYS A 11 0.62 -4.60 0.21
N PRO A 12 1.77 -4.90 0.82
CA PRO A 12 1.85 -5.83 1.96
C PRO A 12 1.26 -5.18 3.21
N ASN A 13 0.87 -6.00 4.17
CA ASN A 13 0.29 -5.50 5.42
C ASN A 13 1.22 -4.47 6.05
N PRO A 14 0.76 -3.21 6.14
CA PRO A 14 1.59 -2.07 6.57
C PRO A 14 2.25 -2.28 7.94
N ARG A 15 1.65 -3.13 8.77
CA ARG A 15 2.20 -3.40 10.08
C ARG A 15 3.48 -4.23 9.97
N GLU A 16 3.67 -4.85 8.81
CA GLU A 16 4.85 -5.66 8.55
C GLU A 16 5.89 -4.87 7.76
N GLY A 17 5.55 -3.64 7.42
CA GLY A 17 6.43 -2.82 6.63
C GLY A 17 5.68 -2.08 5.52
N ASP A 18 5.28 -0.85 5.81
CA ASP A 18 4.54 -0.04 4.83
C ASP A 18 5.50 0.61 3.84
N TRP A 19 5.27 0.37 2.55
CA TRP A 19 6.06 1.03 1.51
C TRP A 19 5.13 1.87 0.64
N CYS A 20 3.90 2.06 1.09
CA CYS A 20 2.83 2.66 0.28
C CYS A 20 2.99 4.16 0.08
N CYS A 21 3.98 4.75 0.75
CA CYS A 21 3.90 6.06 1.44
C CYS A 21 2.73 7.01 1.09
N HIS A 22 1.59 6.43 0.75
CA HIS A 22 0.32 7.14 0.75
C HIS A 22 -0.52 6.64 1.92
N LYS A 23 -1.29 5.57 1.69
CA LYS A 23 -1.87 4.81 2.78
C LYS A 23 -2.18 3.39 2.33
N CYS A 24 -1.58 2.43 2.98
CA CYS A 24 -1.79 1.02 2.64
C CYS A 24 -3.02 0.51 3.38
N VAL A 25 -4.09 0.30 2.64
CA VAL A 25 -5.37 -0.06 3.25
C VAL A 25 -5.87 -1.41 2.74
N PRO A 26 -6.62 -2.13 3.59
CA PRO A 26 -7.16 -3.43 3.24
C PRO A 26 -8.28 -3.33 2.22
N GLU A 27 -8.09 -4.02 1.11
CA GLU A 27 -9.08 -4.07 0.04
C GLU A 27 -9.53 -5.51 -0.16
N GLY A 28 -10.36 -6.00 0.74
CA GLY A 28 -10.84 -7.35 0.63
C GLY A 28 -9.86 -8.36 1.18
N LYS A 29 -9.26 -9.15 0.30
CA LYS A 29 -8.33 -10.19 0.72
C LYS A 29 -6.92 -9.65 0.94
N ARG A 30 -6.57 -8.61 0.19
CA ARG A 30 -5.23 -8.07 0.23
C ARG A 30 -5.25 -6.58 0.53
N PHE A 31 -4.06 -6.04 0.75
CA PHE A 31 -3.90 -4.61 0.97
C PHE A 31 -3.47 -3.95 -0.32
N TYR A 32 -3.87 -2.70 -0.51
CA TYR A 32 -3.54 -1.97 -1.72
C TYR A 32 -3.05 -0.59 -1.36
N CYS A 33 -2.28 0.00 -2.26
CA CYS A 33 -1.73 1.31 -2.04
C CYS A 33 -2.72 2.35 -2.53
N ARG A 34 -3.42 2.98 -1.60
CA ARG A 34 -4.46 3.94 -1.93
C ARG A 34 -4.07 5.32 -1.42
N ASP A 35 -4.73 6.34 -1.92
CA ASP A 35 -4.42 7.71 -1.53
C ASP A 35 -5.47 8.27 -0.59
N GLN A 36 -5.27 8.04 0.70
CA GLN A 36 -6.10 8.64 1.72
C GLN A 36 -5.44 9.92 2.23
N GLY A 1 8.17 3.97 -9.78
CA GLY A 1 9.01 4.79 -8.89
C GLY A 1 8.36 6.11 -8.53
N THR A 2 7.65 6.13 -7.41
CA THR A 2 7.01 7.34 -6.94
C THR A 2 7.24 7.50 -5.43
N TYR A 3 8.52 7.61 -5.07
CA TYR A 3 8.98 7.69 -3.67
C TYR A 3 8.82 6.34 -2.97
N CYS A 4 7.65 5.74 -3.12
CA CYS A 4 7.37 4.42 -2.59
C CYS A 4 6.49 3.66 -3.59
N ILE A 5 5.76 2.66 -3.11
CA ILE A 5 4.91 1.85 -3.98
C ILE A 5 3.87 2.71 -4.71
N GLU A 6 3.73 2.46 -6.01
CA GLU A 6 2.85 3.22 -6.88
C GLU A 6 1.40 3.14 -6.42
N LEU A 7 0.66 4.18 -6.76
CA LEU A 7 -0.72 4.30 -6.36
C LEU A 7 -1.58 3.36 -7.20
N GLY A 8 -2.22 2.41 -6.51
CA GLY A 8 -3.00 1.41 -7.19
C GLY A 8 -2.37 0.03 -7.09
N GLU A 9 -1.10 0.00 -6.69
CA GLU A 9 -0.37 -1.25 -6.54
C GLU A 9 -0.76 -1.95 -5.25
N ARG A 10 -0.37 -3.21 -5.14
CA ARG A 10 -0.60 -3.98 -3.94
C ARG A 10 0.48 -3.67 -2.92
N CYS A 11 0.11 -3.67 -1.65
CA CYS A 11 1.07 -3.43 -0.60
C CYS A 11 1.03 -4.58 0.41
N PRO A 12 2.19 -4.91 1.01
CA PRO A 12 2.26 -5.90 2.08
C PRO A 12 1.58 -5.38 3.34
N ASN A 13 1.19 -6.29 4.22
CA ASN A 13 0.52 -5.91 5.46
C ASN A 13 1.34 -4.86 6.20
N PRO A 14 0.81 -3.64 6.34
CA PRO A 14 1.55 -2.49 6.86
C PRO A 14 2.21 -2.74 8.22
N ARG A 15 1.70 -3.70 8.96
CA ARG A 15 2.27 -4.02 10.27
C ARG A 15 3.65 -4.67 10.12
N GLU A 16 3.92 -5.22 8.94
CA GLU A 16 5.21 -5.86 8.68
C GLU A 16 6.16 -4.92 7.96
N GLY A 17 5.68 -3.71 7.66
CA GLY A 17 6.50 -2.76 6.95
C GLY A 17 5.73 -2.06 5.84
N ASP A 18 5.60 -0.74 5.94
CA ASP A 18 4.82 0.00 4.97
C ASP A 18 5.73 0.71 3.96
N TRP A 19 5.75 0.21 2.75
CA TRP A 19 6.46 0.85 1.66
C TRP A 19 5.43 1.47 0.71
N CYS A 20 4.25 1.68 1.25
CA CYS A 20 3.06 2.07 0.50
C CYS A 20 3.03 3.56 0.22
N CYS A 21 3.97 4.27 0.85
CA CYS A 21 3.85 5.64 1.43
C CYS A 21 2.72 6.56 0.92
N HIS A 22 1.61 5.99 0.51
CA HIS A 22 0.35 6.72 0.39
C HIS A 22 -0.51 6.33 1.57
N LYS A 23 -1.29 5.26 1.41
CA LYS A 23 -1.91 4.59 2.55
C LYS A 23 -2.22 3.14 2.18
N CYS A 24 -1.61 2.20 2.90
CA CYS A 24 -1.83 0.79 2.66
C CYS A 24 -3.09 0.34 3.38
N VAL A 25 -4.19 0.29 2.66
CA VAL A 25 -5.46 -0.05 3.26
C VAL A 25 -5.92 -1.44 2.82
N PRO A 26 -6.59 -2.16 3.72
CA PRO A 26 -7.14 -3.47 3.40
C PRO A 26 -8.33 -3.36 2.47
N GLU A 27 -8.22 -3.97 1.32
CA GLU A 27 -9.30 -4.02 0.34
C GLU A 27 -9.82 -5.45 0.27
N GLY A 28 -10.59 -5.84 1.26
CA GLY A 28 -11.02 -7.21 1.35
C GLY A 28 -9.97 -8.08 2.01
N LYS A 29 -9.36 -8.97 1.24
CA LYS A 29 -8.33 -9.84 1.77
C LYS A 29 -6.94 -9.32 1.42
N ARG A 30 -6.90 -8.37 0.50
CA ARG A 30 -5.64 -7.83 0.02
C ARG A 30 -5.40 -6.43 0.57
N PHE A 31 -4.24 -5.88 0.27
CA PHE A 31 -3.91 -4.51 0.65
C PHE A 31 -3.46 -3.74 -0.57
N TYR A 32 -3.85 -2.48 -0.66
CA TYR A 32 -3.51 -1.66 -1.83
C TYR A 32 -3.08 -0.27 -1.41
N CYS A 33 -2.19 0.32 -2.18
CA CYS A 33 -1.76 1.69 -1.96
C CYS A 33 -2.81 2.64 -2.53
N ARG A 34 -3.62 3.17 -1.66
CA ARG A 34 -4.70 4.07 -2.06
C ARG A 34 -4.36 5.50 -1.66
N ASP A 35 -4.94 6.45 -2.39
CA ASP A 35 -4.76 7.85 -2.09
C ASP A 35 -5.82 8.32 -1.11
N GLN A 36 -5.53 8.18 0.16
CA GLN A 36 -6.48 8.54 1.20
C GLN A 36 -6.11 9.89 1.79
N GLY A 1 10.37 0.25 -9.54
CA GLY A 1 10.19 0.75 -8.16
C GLY A 1 10.75 2.14 -7.98
N THR A 2 10.41 2.77 -6.87
CA THR A 2 10.91 4.10 -6.54
C THR A 2 10.89 4.28 -5.02
N TYR A 3 11.27 3.21 -4.32
CA TYR A 3 11.24 3.12 -2.86
C TYR A 3 9.80 2.99 -2.36
N CYS A 4 8.94 3.91 -2.80
CA CYS A 4 7.53 3.86 -2.44
C CYS A 4 6.74 3.17 -3.54
N ILE A 5 5.73 2.42 -3.14
CA ILE A 5 4.90 1.69 -4.07
C ILE A 5 3.86 2.63 -4.68
N GLU A 6 3.69 2.57 -5.99
CA GLU A 6 2.81 3.49 -6.68
C GLU A 6 1.35 3.21 -6.38
N LEU A 7 0.54 4.24 -6.58
CA LEU A 7 -0.86 4.23 -6.20
C LEU A 7 -1.65 3.23 -7.05
N GLY A 8 -2.32 2.31 -6.38
CA GLY A 8 -3.11 1.32 -7.08
C GLY A 8 -2.50 -0.06 -7.02
N GLU A 9 -1.26 -0.14 -6.54
CA GLU A 9 -0.56 -1.41 -6.44
C GLU A 9 -0.92 -2.13 -5.15
N ARG A 10 -0.48 -3.38 -5.05
CA ARG A 10 -0.74 -4.21 -3.89
C ARG A 10 0.37 -4.02 -2.87
N CYS A 11 0.00 -3.91 -1.61
CA CYS A 11 0.98 -3.71 -0.56
C CYS A 11 0.86 -4.79 0.51
N PRO A 12 1.97 -5.15 1.15
CA PRO A 12 1.94 -6.02 2.33
C PRO A 12 1.36 -5.26 3.52
N ASN A 13 0.73 -6.00 4.44
CA ASN A 13 0.10 -5.41 5.62
C ASN A 13 1.09 -4.46 6.29
N PRO A 14 0.68 -3.19 6.48
CA PRO A 14 1.56 -2.13 7.01
C PRO A 14 2.25 -2.49 8.31
N ARG A 15 1.70 -3.45 9.04
CA ARG A 15 2.34 -3.92 10.27
C ARG A 15 3.64 -4.67 9.96
N GLU A 16 3.77 -5.13 8.71
CA GLU A 16 5.00 -5.78 8.26
C GLU A 16 5.94 -4.75 7.63
N GLY A 17 5.44 -3.53 7.45
CA GLY A 17 6.23 -2.50 6.81
C GLY A 17 5.80 -2.24 5.38
N ASP A 18 4.97 -1.23 5.19
CA ASP A 18 4.50 -0.87 3.85
C ASP A 18 5.38 0.22 3.26
N TRP A 19 5.54 0.20 1.95
CA TRP A 19 6.28 1.24 1.26
C TRP A 19 5.31 2.06 0.41
N CYS A 20 4.04 1.99 0.77
CA CYS A 20 2.94 2.60 0.03
C CYS A 20 3.05 4.11 -0.21
N CYS A 21 4.06 4.74 0.37
CA CYS A 21 4.02 6.10 1.00
C CYS A 21 2.83 7.03 0.66
N HIS A 22 1.67 6.45 0.40
CA HIS A 22 0.40 7.14 0.50
C HIS A 22 -0.35 6.55 1.70
N LYS A 23 -1.08 5.45 1.48
CA LYS A 23 -1.61 4.66 2.59
C LYS A 23 -1.88 3.22 2.14
N CYS A 24 -1.41 2.25 2.93
CA CYS A 24 -1.67 0.84 2.63
C CYS A 24 -2.95 0.40 3.33
N VAL A 25 -4.02 0.25 2.56
CA VAL A 25 -5.32 -0.03 3.11
C VAL A 25 -5.83 -1.40 2.68
N PRO A 26 -6.60 -2.06 3.54
CA PRO A 26 -7.17 -3.37 3.25
C PRO A 26 -8.32 -3.31 2.26
N GLU A 27 -8.13 -3.97 1.14
CA GLU A 27 -9.15 -4.06 0.11
C GLU A 27 -9.61 -5.51 -0.03
N GLY A 28 -10.42 -5.94 0.92
CA GLY A 28 -10.90 -7.30 0.92
C GLY A 28 -9.80 -8.31 1.21
N LYS A 29 -9.44 -9.08 0.19
CA LYS A 29 -8.46 -10.16 0.34
C LYS A 29 -7.05 -9.63 0.54
N ARG A 30 -6.74 -8.50 -0.07
CA ARG A 30 -5.37 -7.98 -0.09
C ARG A 30 -5.33 -6.55 0.39
N PHE A 31 -4.14 -5.99 0.41
CA PHE A 31 -3.94 -4.59 0.74
C PHE A 31 -3.48 -3.84 -0.50
N TYR A 32 -3.87 -2.59 -0.61
CA TYR A 32 -3.53 -1.77 -1.77
C TYR A 32 -3.08 -0.39 -1.34
N CYS A 33 -2.12 0.16 -2.07
CA CYS A 33 -1.66 1.51 -1.82
C CYS A 33 -2.68 2.50 -2.37
N ARG A 34 -3.45 3.09 -1.49
CA ARG A 34 -4.48 4.04 -1.88
C ARG A 34 -4.19 5.38 -1.25
N ASP A 35 -4.82 6.42 -1.75
CA ASP A 35 -4.60 7.76 -1.24
C ASP A 35 -5.77 8.20 -0.38
N GLN A 36 -5.69 7.89 0.89
CA GLN A 36 -6.73 8.28 1.84
C GLN A 36 -6.20 9.39 2.74
#